data_7WPY
#
_entry.id   7WPY
#
_cell.length_a   72.517
_cell.length_b   73.763
_cell.length_c   97.484
_cell.angle_alpha   90.000
_cell.angle_beta   90.000
_cell.angle_gamma   90.000
#
_symmetry.space_group_name_H-M   'P 1 21 1'
#
loop_
_entity.id
_entity.type
_entity.pdbx_description
1 polymer 'Dioxygenase andA'
2 non-polymer 'FE (III) ION'
3 water water
#
_entity_poly.entity_id   1
_entity_poly.type   'polypeptide(L)'
_entity_poly.pdbx_seq_one_letter_code
;MGSSHHHHHHSSGLVPRGSMPPIRRVNASQGSDAAYQILQEDGCVIVEQVICPNIIAKISDDVNRVMDKATIGAKKGEQT
HIINMHNRTIHMGDLVLTSKTYRDELLNLPFAHEVLEKVFKKDSGDYWLNAGVILNMLPGAEAQRPHRDDYLYPVSQHMD
PATSPDLMINITFPLNEFRHDNGGTLLLPKSHTGPNADFYANAEDLPAAEMQVGDALIFTGKCVHGGGANRSDKPRIGLA
LAAQPGYLTPRESNVNVPRDIVETMTPLAQRMIGWGTVRTKDTYGLNMLQDKDFHEALGLKSKTA
;
_entity_poly.pdbx_strand_id   A,B,C,D
#
loop_
_chem_comp.id
_chem_comp.type
_chem_comp.name
_chem_comp.formula
FE non-polymer 'FE (III) ION' 'Fe 3'
#
# COMPACT_ATOMS: atom_id res chain seq x y z
N SER A 19 -28.74 11.29 15.29
CA SER A 19 -28.75 9.84 15.11
C SER A 19 -27.87 9.45 13.91
N MET A 20 -27.24 8.27 13.97
CA MET A 20 -26.45 7.81 12.83
C MET A 20 -27.40 7.35 11.72
N PRO A 21 -26.96 7.37 10.45
CA PRO A 21 -27.90 7.07 9.33
C PRO A 21 -28.28 5.61 9.34
N PRO A 22 -29.43 5.27 8.75
CA PRO A 22 -29.87 3.87 8.72
C PRO A 22 -29.16 3.05 7.64
N ILE A 23 -29.25 1.73 7.80
CA ILE A 23 -28.68 0.77 6.86
C ILE A 23 -29.66 0.61 5.71
N ARG A 24 -29.29 1.11 4.55
CA ARG A 24 -30.23 1.14 3.45
C ARG A 24 -30.28 -0.23 2.77
N ARG A 25 -31.42 -0.51 2.14
CA ARG A 25 -31.70 -1.82 1.55
C ARG A 25 -32.26 -1.64 0.16
N VAL A 26 -32.16 -2.71 -0.64
CA VAL A 26 -32.75 -2.70 -1.96
C VAL A 26 -32.98 -4.15 -2.36
N ASN A 27 -34.07 -4.39 -3.07
CA ASN A 27 -34.32 -5.72 -3.59
C ASN A 27 -33.42 -5.99 -4.79
N ALA A 28 -32.85 -7.21 -4.84
CA ALA A 28 -31.96 -7.57 -5.95
C ALA A 28 -32.65 -7.47 -7.31
N SER A 29 -33.99 -7.56 -7.34
CA SER A 29 -34.73 -7.36 -8.57
C SER A 29 -34.54 -5.96 -9.12
N GLN A 30 -34.13 -5.00 -8.29
CA GLN A 30 -33.89 -3.66 -8.80
C GLN A 30 -32.55 -3.55 -9.53
N GLY A 31 -31.75 -4.60 -9.52
CA GLY A 31 -30.53 -4.59 -10.30
C GLY A 31 -29.32 -4.11 -9.51
N SER A 32 -28.15 -4.51 -9.99
CA SER A 32 -26.91 -4.31 -9.22
C SER A 32 -26.44 -2.87 -9.29
N ASP A 33 -26.84 -2.11 -10.31
CA ASP A 33 -26.52 -0.67 -10.32
C ASP A 33 -27.08 0.01 -9.08
N ALA A 34 -28.33 -0.29 -8.71
CA ALA A 34 -28.93 0.39 -7.55
C ALA A 34 -28.23 0.03 -6.25
N ALA A 35 -27.89 -1.26 -6.08
CA ALA A 35 -27.14 -1.69 -4.89
C ALA A 35 -25.74 -1.09 -4.88
N TYR A 36 -25.08 -1.06 -6.04
CA TYR A 36 -23.74 -0.49 -6.13
C TYR A 36 -23.76 0.99 -5.75
N GLN A 37 -24.78 1.71 -6.22
CA GLN A 37 -24.85 3.14 -5.96
C GLN A 37 -25.05 3.41 -4.47
N ILE A 38 -25.87 2.62 -3.79
CA ILE A 38 -26.00 2.76 -2.33
C ILE A 38 -24.67 2.42 -1.65
N LEU A 39 -24.01 1.35 -2.09
CA LEU A 39 -22.72 0.97 -1.52
C LEU A 39 -21.70 2.09 -1.68
N GLN A 40 -21.73 2.78 -2.83
CA GLN A 40 -20.84 3.91 -3.05
C GLN A 40 -21.11 5.03 -2.07
N GLU A 41 -22.39 5.31 -1.81
CA GLU A 41 -22.77 6.43 -0.96
C GLU A 41 -22.61 6.13 0.52
N ASP A 42 -22.82 4.87 0.93
CA ASP A 42 -22.96 4.49 2.34
C ASP A 42 -21.85 3.57 2.86
N GLY A 43 -21.06 2.94 1.99
CA GLY A 43 -20.13 1.90 2.41
C GLY A 43 -20.76 0.56 2.73
N CYS A 44 -22.08 0.44 2.66
CA CYS A 44 -22.78 -0.80 2.99
C CYS A 44 -24.19 -0.75 2.40
N VAL A 45 -24.72 -1.92 2.08
CA VAL A 45 -26.07 -2.08 1.53
C VAL A 45 -26.54 -3.49 1.85
N ILE A 46 -27.85 -3.64 2.14
CA ILE A 46 -28.48 -4.94 2.27
C ILE A 46 -29.24 -5.25 0.99
N VAL A 47 -28.96 -6.40 0.38
CA VAL A 47 -29.62 -6.81 -0.86
C VAL A 47 -30.62 -7.91 -0.51
N GLU A 48 -31.90 -7.62 -0.68
CA GLU A 48 -32.96 -8.55 -0.33
C GLU A 48 -33.20 -9.51 -1.49
N GLN A 49 -33.44 -10.78 -1.14
CA GLN A 49 -33.76 -11.84 -2.12
C GLN A 49 -32.78 -11.84 -3.28
N VAL A 50 -31.48 -11.85 -2.94
CA VAL A 50 -30.43 -11.92 -3.94
C VAL A 50 -30.16 -13.35 -4.35
N ILE A 51 -30.41 -14.32 -3.45
CA ILE A 51 -30.18 -15.72 -3.75
C ILE A 51 -31.38 -16.52 -3.24
N CYS A 52 -31.65 -17.64 -3.92
CA CYS A 52 -32.76 -18.52 -3.61
C CYS A 52 -32.55 -19.16 -2.25
N PRO A 53 -33.50 -19.02 -1.31
CA PRO A 53 -33.28 -19.55 0.05
C PRO A 53 -32.96 -21.03 0.08
N ASN A 54 -33.38 -21.76 -0.95
CA ASN A 54 -33.14 -23.19 -0.99
C ASN A 54 -31.67 -23.50 -1.28
N ILE A 55 -30.99 -22.61 -2.01
CA ILE A 55 -29.54 -22.79 -2.22
C ILE A 55 -28.80 -22.61 -0.90
N ILE A 56 -29.17 -21.58 -0.14
CA ILE A 56 -28.58 -21.36 1.17
C ILE A 56 -28.84 -22.54 2.09
N ALA A 57 -30.07 -23.08 2.05
CA ALA A 57 -30.39 -24.25 2.86
C ALA A 57 -29.49 -25.42 2.50
N LYS A 58 -29.23 -25.60 1.20
CA LYS A 58 -28.33 -26.67 0.74
C LYS A 58 -26.93 -26.48 1.31
N ILE A 59 -26.39 -25.25 1.21
CA ILE A 59 -25.10 -24.95 1.81
C ILE A 59 -25.15 -25.12 3.33
N SER A 60 -26.31 -24.88 3.94
CA SER A 60 -26.41 -25.03 5.39
C SER A 60 -26.36 -26.51 5.80
N ASP A 61 -27.04 -27.38 5.05
CA ASP A 61 -26.93 -28.82 5.34
C ASP A 61 -25.47 -29.28 5.29
N ASP A 62 -24.75 -28.93 4.21
CA ASP A 62 -23.34 -29.25 4.10
C ASP A 62 -22.55 -28.74 5.30
N VAL A 63 -22.74 -27.45 5.63
CA VAL A 63 -21.96 -26.83 6.70
C VAL A 63 -22.18 -27.57 8.01
N ASN A 64 -23.43 -27.97 8.27
CA ASN A 64 -23.76 -28.66 9.52
C ASN A 64 -23.16 -30.05 9.58
N ARG A 65 -23.05 -30.72 8.43
CA ARG A 65 -22.42 -32.05 8.37
C ARG A 65 -20.98 -32.04 8.87
N VAL A 66 -20.42 -30.86 9.16
CA VAL A 66 -19.12 -30.76 9.81
C VAL A 66 -19.31 -29.93 11.07
N MET A 67 -19.96 -30.49 12.09
CA MET A 67 -20.20 -29.81 13.37
C MET A 67 -20.03 -30.77 14.55
N MET A 85 -12.13 -20.66 17.48
CA MET A 85 -13.12 -20.06 18.37
C MET A 85 -12.54 -18.90 19.17
N HIS A 86 -13.12 -17.71 18.97
CA HIS A 86 -12.79 -16.54 19.77
C HIS A 86 -14.10 -15.81 20.06
N ASN A 87 -14.24 -15.33 21.30
CA ASN A 87 -15.39 -14.52 21.67
C ASN A 87 -16.68 -15.22 21.27
N ARG A 88 -16.74 -16.51 21.60
CA ARG A 88 -17.92 -17.35 21.38
C ARG A 88 -18.34 -17.41 19.92
N THR A 89 -17.44 -17.00 19.04
CA THR A 89 -17.67 -17.04 17.60
C THR A 89 -16.75 -18.08 16.99
N ILE A 90 -17.33 -18.97 16.21
CA ILE A 90 -16.58 -20.00 15.51
C ILE A 90 -16.39 -19.55 14.06
N HIS A 91 -15.14 -19.51 13.62
CA HIS A 91 -14.79 -19.29 12.22
C HIS A 91 -14.52 -20.66 11.60
N MET A 92 -15.16 -20.93 10.45
CA MET A 92 -14.91 -22.16 9.70
C MET A 92 -14.65 -21.84 8.24
N GLY A 93 -13.49 -22.26 7.74
CA GLY A 93 -13.10 -22.05 6.37
C GLY A 93 -13.20 -23.31 5.55
N ASP A 94 -12.44 -23.34 4.45
CA ASP A 94 -12.41 -24.47 3.53
C ASP A 94 -13.83 -24.84 3.09
N LEU A 95 -14.51 -23.85 2.53
CA LEU A 95 -15.85 -24.10 2.04
C LEU A 95 -15.87 -24.82 0.70
N VAL A 96 -14.79 -24.73 -0.08
CA VAL A 96 -14.70 -25.42 -1.35
C VAL A 96 -14.88 -26.92 -1.17
N LEU A 97 -14.27 -27.47 -0.12
CA LEU A 97 -14.34 -28.91 0.10
C LEU A 97 -15.67 -29.33 0.72
N THR A 98 -16.20 -28.53 1.63
CA THR A 98 -17.36 -28.99 2.37
C THR A 98 -18.65 -28.92 1.56
N SER A 99 -18.78 -28.03 0.57
CA SER A 99 -20.09 -27.86 -0.07
C SER A 99 -19.97 -27.65 -1.57
N LYS A 100 -20.67 -28.50 -2.33
CA LYS A 100 -20.73 -28.35 -3.77
C LYS A 100 -21.57 -27.16 -4.19
N THR A 101 -22.70 -26.94 -3.49
CA THR A 101 -23.54 -25.79 -3.80
C THR A 101 -22.75 -24.49 -3.66
N TYR A 102 -21.89 -24.41 -2.64
CA TYR A 102 -21.01 -23.26 -2.52
C TYR A 102 -20.16 -23.09 -3.77
N ARG A 103 -19.49 -24.16 -4.22
CA ARG A 103 -18.56 -24.08 -5.36
C ARG A 103 -19.27 -23.64 -6.62
N ASP A 104 -20.51 -24.10 -6.83
CA ASP A 104 -21.20 -23.89 -8.11
C ASP A 104 -22.11 -22.66 -8.04
N GLU A 105 -23.14 -22.71 -7.20
CA GLU A 105 -24.14 -21.63 -7.19
C GLU A 105 -23.60 -20.37 -6.53
N LEU A 106 -23.01 -20.48 -5.35
CA LEU A 106 -22.65 -19.28 -4.59
C LEU A 106 -21.47 -18.55 -5.23
N LEU A 107 -20.40 -19.28 -5.57
CA LEU A 107 -19.24 -18.62 -6.16
C LEU A 107 -19.51 -18.06 -7.54
N ASN A 108 -20.63 -18.43 -8.17
CA ASN A 108 -20.97 -17.90 -9.48
C ASN A 108 -22.14 -16.92 -9.45
N LEU A 109 -22.68 -16.58 -8.26
CA LEU A 109 -23.84 -15.68 -8.17
C LEU A 109 -23.61 -14.43 -9.02
N PRO A 110 -24.33 -14.29 -10.14
CA PRO A 110 -24.05 -13.15 -11.03
C PRO A 110 -24.23 -11.78 -10.37
N PHE A 111 -25.27 -11.59 -9.54
CA PHE A 111 -25.46 -10.28 -8.92
C PHE A 111 -24.22 -9.86 -8.12
N ALA A 112 -23.60 -10.82 -7.43
CA ALA A 112 -22.44 -10.48 -6.61
C ALA A 112 -21.25 -10.09 -7.48
N HIS A 113 -21.06 -10.79 -8.60
CA HIS A 113 -19.96 -10.45 -9.50
C HIS A 113 -20.17 -9.10 -10.19
N GLU A 114 -21.42 -8.77 -10.53
CA GLU A 114 -21.69 -7.45 -11.12
C GLU A 114 -21.27 -6.34 -10.17
N VAL A 115 -21.59 -6.48 -8.88
CA VAL A 115 -21.19 -5.49 -7.87
C VAL A 115 -19.68 -5.47 -7.73
N LEU A 116 -19.07 -6.64 -7.62
CA LEU A 116 -17.61 -6.72 -7.46
C LEU A 116 -16.90 -6.16 -8.68
N GLU A 117 -17.43 -6.40 -9.87
CA GLU A 117 -16.86 -5.81 -11.07
C GLU A 117 -16.96 -4.29 -11.00
N LYS A 118 -18.12 -3.77 -10.60
CA LYS A 118 -18.25 -2.32 -10.51
C LYS A 118 -17.31 -1.74 -9.46
N VAL A 119 -16.97 -2.53 -8.44
CA VAL A 119 -16.09 -2.03 -7.40
C VAL A 119 -14.63 -2.04 -7.85
N PHE A 120 -14.18 -3.15 -8.44
CA PHE A 120 -12.76 -3.42 -8.60
C PHE A 120 -12.21 -3.16 -10.00
N LYS A 121 -13.02 -3.27 -11.06
CA LYS A 121 -12.47 -3.41 -12.41
C LYS A 121 -11.65 -2.19 -12.83
N LYS A 122 -12.21 -0.98 -12.69
CA LYS A 122 -11.51 0.21 -13.17
C LYS A 122 -10.28 0.52 -12.33
N ASP A 123 -10.43 0.59 -11.00
CA ASP A 123 -9.29 0.94 -10.15
C ASP A 123 -8.28 -0.20 -9.97
N SER A 124 -8.71 -1.43 -10.08
CA SER A 124 -7.83 -2.49 -9.60
C SER A 124 -7.69 -3.62 -10.58
N GLY A 125 -8.79 -4.03 -11.22
CA GLY A 125 -8.78 -5.10 -12.19
C GLY A 125 -9.57 -6.32 -11.75
N ASP A 126 -9.01 -7.49 -12.04
CA ASP A 126 -9.62 -8.73 -11.58
C ASP A 126 -9.59 -8.78 -10.05
N TYR A 127 -10.55 -9.52 -9.49
CA TYR A 127 -10.64 -9.73 -8.06
C TYR A 127 -10.70 -11.23 -7.78
N TRP A 128 -10.43 -11.61 -6.54
CA TRP A 128 -10.59 -13.01 -6.13
C TRP A 128 -10.80 -13.01 -4.64
N LEU A 129 -10.94 -14.21 -4.05
CA LEU A 129 -11.34 -14.28 -2.65
C LEU A 129 -10.13 -14.07 -1.75
N ASN A 130 -10.29 -13.21 -0.75
CA ASN A 130 -9.42 -13.28 0.43
C ASN A 130 -9.66 -14.57 1.20
N ALA A 131 -10.91 -14.82 1.55
CA ALA A 131 -11.34 -16.03 2.22
C ALA A 131 -12.85 -16.13 2.10
N GLY A 132 -13.37 -17.34 2.33
CA GLY A 132 -14.80 -17.52 2.53
C GLY A 132 -15.06 -18.28 3.82
N VAL A 133 -15.76 -17.66 4.77
CA VAL A 133 -15.81 -18.17 6.14
C VAL A 133 -17.24 -18.32 6.64
N ILE A 134 -17.50 -19.40 7.37
CA ILE A 134 -18.71 -19.47 8.20
C ILE A 134 -18.45 -18.70 9.49
N LEU A 135 -19.32 -17.74 9.80
CA LEU A 135 -19.24 -17.02 11.07
C LEU A 135 -20.40 -17.52 11.92
N ASN A 136 -20.12 -18.52 12.74
CA ASN A 136 -21.08 -19.12 13.65
C ASN A 136 -20.97 -18.40 14.99
N MET A 137 -21.86 -17.45 15.22
CA MET A 137 -21.80 -16.65 16.45
C MET A 137 -22.73 -17.26 17.50
N LEU A 138 -22.13 -17.82 18.55
CA LEU A 138 -22.88 -18.58 19.54
C LEU A 138 -23.48 -17.66 20.60
N PRO A 139 -24.53 -18.12 21.29
CA PRO A 139 -25.12 -17.32 22.36
C PRO A 139 -24.07 -16.87 23.37
N GLY A 140 -24.10 -15.59 23.70
CA GLY A 140 -23.14 -15.02 24.62
C GLY A 140 -22.00 -14.25 23.99
N ALA A 141 -21.90 -14.24 22.66
CA ALA A 141 -20.85 -13.46 22.02
C ALA A 141 -21.08 -11.98 22.25
N GLU A 142 -20.00 -11.24 22.46
CA GLU A 142 -20.07 -9.81 22.70
C GLU A 142 -19.77 -9.01 21.43
N ALA A 143 -20.32 -7.80 21.37
CA ALA A 143 -20.16 -6.94 20.20
C ALA A 143 -18.70 -6.56 20.01
N GLN A 144 -18.21 -6.70 18.78
CA GLN A 144 -16.83 -6.35 18.49
C GLN A 144 -16.64 -4.85 18.66
N ARG A 145 -15.37 -4.44 18.79
CA ARG A 145 -15.08 -3.02 18.68
C ARG A 145 -15.31 -2.63 17.22
N PRO A 146 -16.08 -1.58 16.95
CA PRO A 146 -16.26 -1.17 15.54
C PRO A 146 -14.92 -0.86 14.89
N HIS A 147 -14.78 -1.23 13.64
CA HIS A 147 -13.49 -1.17 12.97
C HIS A 147 -13.69 -1.16 11.46
N ARG A 148 -12.58 -1.00 10.75
CA ARG A 148 -12.52 -1.12 9.29
C ARG A 148 -11.76 -2.38 8.96
N ASP A 149 -12.31 -3.22 8.07
CA ASP A 149 -11.67 -4.49 7.74
C ASP A 149 -10.34 -4.30 7.02
N ASP A 150 -10.17 -3.20 6.30
CA ASP A 150 -8.94 -3.05 5.52
C ASP A 150 -7.74 -2.69 6.38
N TYR A 151 -7.90 -2.60 7.71
CA TYR A 151 -6.74 -2.39 8.58
C TYR A 151 -5.73 -3.51 8.42
N LEU A 152 -6.19 -4.71 8.08
CA LEU A 152 -5.28 -5.85 7.95
C LEU A 152 -4.38 -5.74 6.73
N TYR A 153 -4.68 -4.82 5.80
CA TYR A 153 -3.78 -4.61 4.68
C TYR A 153 -2.93 -3.38 4.97
N PRO A 154 -1.64 -3.54 5.17
CA PRO A 154 -0.84 -2.40 5.64
C PRO A 154 -0.91 -1.17 4.73
N VAL A 155 -1.14 -1.35 3.42
CA VAL A 155 -1.16 -0.20 2.53
C VAL A 155 -2.37 0.71 2.79
N SER A 156 -3.46 0.17 3.37
CA SER A 156 -4.66 0.99 3.61
C SER A 156 -4.36 2.18 4.50
N GLN A 157 -3.40 2.04 5.41
CA GLN A 157 -3.01 3.11 6.31
C GLN A 157 -2.17 4.19 5.63
N HIS A 158 -1.83 4.01 4.35
CA HIS A 158 -1.04 4.98 3.61
C HIS A 158 -1.84 5.67 2.53
N MET A 159 -3.14 5.41 2.44
CA MET A 159 -3.93 5.99 1.38
C MET A 159 -5.09 6.75 1.98
N ASP A 160 -5.51 7.80 1.29
CA ASP A 160 -6.63 8.59 1.75
C ASP A 160 -7.92 7.78 1.58
N PRO A 161 -8.63 7.46 2.66
CA PRO A 161 -9.88 6.69 2.50
C PRO A 161 -10.90 7.38 1.60
N ALA A 162 -10.89 8.71 1.54
CA ALA A 162 -11.86 9.43 0.72
C ALA A 162 -11.67 9.18 -0.77
N THR A 163 -10.44 8.93 -1.23
CA THR A 163 -10.15 8.87 -2.67
C THR A 163 -9.54 7.56 -3.14
N SER A 164 -9.08 6.71 -2.25
CA SER A 164 -8.36 5.51 -2.61
C SER A 164 -9.31 4.42 -3.10
N PRO A 165 -8.83 3.49 -3.91
CA PRO A 165 -9.62 2.31 -4.25
C PRO A 165 -9.99 1.50 -3.02
N ASP A 166 -11.08 0.77 -3.13
CA ASP A 166 -11.41 -0.21 -2.12
C ASP A 166 -10.43 -1.36 -2.20
N LEU A 167 -9.99 -1.83 -1.05
CA LEU A 167 -9.13 -2.99 -0.99
C LEU A 167 -9.91 -4.27 -0.81
N MET A 168 -11.18 -4.18 -0.42
CA MET A 168 -11.87 -5.40 -0.01
C MET A 168 -13.37 -5.16 0.05
N ILE A 169 -14.13 -6.19 -0.32
CA ILE A 169 -15.58 -6.20 -0.21
C ILE A 169 -15.98 -7.45 0.56
N ASN A 170 -16.75 -7.25 1.62
CA ASN A 170 -17.33 -8.33 2.41
C ASN A 170 -18.76 -8.55 1.94
N ILE A 171 -19.11 -9.79 1.62
CA ILE A 171 -20.49 -10.16 1.34
C ILE A 171 -20.88 -11.27 2.30
N THR A 172 -21.94 -11.05 3.07
CA THR A 172 -22.35 -11.97 4.12
C THR A 172 -23.76 -12.43 3.85
N PHE A 173 -23.92 -13.74 3.64
CA PHE A 173 -25.23 -14.35 3.48
C PHE A 173 -25.66 -14.92 4.82
N PRO A 174 -26.79 -14.49 5.38
CA PRO A 174 -27.28 -15.14 6.61
C PRO A 174 -27.76 -16.55 6.31
N LEU A 175 -27.29 -17.50 7.12
CA LEU A 175 -27.81 -18.86 7.05
C LEU A 175 -29.00 -19.08 7.98
N ASN A 176 -29.21 -18.17 8.94
CA ASN A 176 -30.47 -18.03 9.63
C ASN A 176 -30.72 -16.55 9.83
N GLU A 177 -31.87 -16.23 10.41
CA GLU A 177 -32.27 -14.84 10.54
C GLU A 177 -31.24 -14.02 11.32
N PHE A 178 -30.87 -12.87 10.76
CA PHE A 178 -30.07 -11.88 11.48
C PHE A 178 -31.03 -10.88 12.11
N ARG A 179 -30.93 -10.69 13.42
CA ARG A 179 -31.62 -9.63 14.13
C ARG A 179 -30.61 -8.87 14.97
N HIS A 180 -31.03 -7.71 15.48
CA HIS A 180 -30.13 -7.00 16.39
C HIS A 180 -29.84 -7.83 17.64
N ASP A 181 -30.83 -8.57 18.13
CA ASP A 181 -30.67 -9.25 19.42
C ASP A 181 -29.82 -10.52 19.35
N ASN A 182 -29.59 -11.10 18.17
CA ASN A 182 -28.76 -12.29 18.08
C ASN A 182 -27.40 -12.01 17.43
N GLY A 183 -26.96 -10.75 17.46
CA GLY A 183 -25.62 -10.42 17.02
C GLY A 183 -25.49 -9.96 15.59
N GLY A 184 -26.60 -9.65 14.92
CA GLY A 184 -26.58 -9.16 13.56
C GLY A 184 -25.58 -8.05 13.37
N THR A 185 -24.88 -8.06 12.24
CA THR A 185 -23.72 -7.20 12.05
C THR A 185 -24.09 -5.72 12.26
N LEU A 186 -23.31 -5.07 13.11
CA LEU A 186 -23.49 -3.65 13.35
C LEU A 186 -22.68 -2.88 12.31
N LEU A 187 -23.27 -1.79 11.81
CA LEU A 187 -22.68 -0.99 10.74
C LEU A 187 -22.84 0.49 11.06
N LEU A 188 -21.88 1.27 10.60
CA LEU A 188 -22.00 2.73 10.63
C LEU A 188 -22.13 3.20 9.18
N PRO A 189 -23.33 3.34 8.67
CA PRO A 189 -23.48 3.79 7.27
C PRO A 189 -22.87 5.17 7.07
N LYS A 190 -22.18 5.34 5.95
CA LYS A 190 -21.55 6.59 5.53
C LYS A 190 -20.29 6.92 6.30
N SER A 191 -19.63 5.92 6.88
CA SER A 191 -18.36 6.08 7.56
C SER A 191 -17.15 5.70 6.69
N HIS A 192 -17.35 5.49 5.39
CA HIS A 192 -16.31 4.87 4.56
C HIS A 192 -15.39 5.88 3.90
N THR A 193 -15.59 7.18 4.10
CA THR A 193 -14.69 8.18 3.53
C THR A 193 -13.96 8.98 4.60
N GLY A 194 -14.13 8.68 5.88
CA GLY A 194 -13.44 9.38 6.91
C GLY A 194 -12.04 8.85 7.13
N PRO A 195 -11.18 9.66 7.74
CA PRO A 195 -9.79 9.23 7.97
C PRO A 195 -9.72 8.00 8.85
N ASN A 196 -8.66 7.22 8.67
CA ASN A 196 -8.39 6.10 9.56
C ASN A 196 -8.19 6.61 10.99
N ALA A 197 -8.74 5.87 11.95
CA ALA A 197 -8.73 6.33 13.34
C ALA A 197 -8.62 5.13 14.26
N ASP A 198 -8.17 5.40 15.50
CA ASP A 198 -8.21 4.38 16.55
C ASP A 198 -9.63 4.13 17.05
N PHE A 199 -10.51 5.13 16.93
CA PHE A 199 -11.87 5.02 17.42
C PHE A 199 -12.84 5.51 16.36
N TYR A 200 -13.89 4.72 16.14
CA TYR A 200 -14.93 5.11 15.20
C TYR A 200 -16.29 5.31 15.85
N ALA A 201 -16.70 4.42 16.75
CA ALA A 201 -18.00 4.52 17.40
C ALA A 201 -18.09 3.48 18.51
N ASN A 202 -19.14 3.59 19.32
CA ASN A 202 -19.44 2.56 20.30
C ASN A 202 -20.42 1.58 19.69
N ALA A 203 -20.12 0.28 19.80
CA ALA A 203 -20.99 -0.73 19.22
C ALA A 203 -22.44 -0.51 19.62
N GLU A 204 -22.66 -0.08 20.87
CA GLU A 204 -24.00 0.01 21.43
C GLU A 204 -24.86 1.05 20.74
N ASP A 205 -24.24 1.99 20.01
CA ASP A 205 -24.97 3.02 19.28
C ASP A 205 -25.28 2.62 17.84
N LEU A 206 -24.89 1.40 17.42
CA LEU A 206 -24.88 1.17 15.99
C LEU A 206 -26.12 0.39 15.55
N PRO A 207 -26.65 0.69 14.36
CA PRO A 207 -27.77 -0.09 13.84
C PRO A 207 -27.29 -1.46 13.42
N ALA A 208 -28.17 -2.45 13.53
CA ALA A 208 -27.84 -3.81 13.15
C ALA A 208 -28.38 -4.11 11.77
N ALA A 209 -27.67 -4.95 11.04
CA ALA A 209 -28.17 -5.44 9.76
C ALA A 209 -29.14 -6.57 10.07
N GLU A 210 -30.41 -6.35 9.78
CA GLU A 210 -31.43 -7.35 10.03
C GLU A 210 -31.92 -7.88 8.68
N MET A 211 -31.88 -9.20 8.51
CA MET A 211 -32.17 -9.78 7.20
C MET A 211 -32.49 -11.26 7.34
N GLN A 212 -33.06 -11.79 6.24
CA GLN A 212 -33.58 -13.14 6.11
C GLN A 212 -32.65 -14.02 5.28
N VAL A 213 -32.87 -15.33 5.38
CA VAL A 213 -32.20 -16.25 4.47
C VAL A 213 -32.59 -15.90 3.03
N GLY A 214 -31.59 -15.75 2.17
CA GLY A 214 -31.81 -15.27 0.83
C GLY A 214 -31.34 -13.85 0.60
N ASP A 215 -31.15 -13.08 1.67
CA ASP A 215 -30.58 -11.75 1.60
C ASP A 215 -29.05 -11.80 1.68
N ALA A 216 -28.41 -10.64 1.55
CA ALA A 216 -26.99 -10.53 1.75
C ALA A 216 -26.67 -9.12 2.23
N LEU A 217 -25.62 -9.01 3.03
CA LEU A 217 -25.05 -7.73 3.44
C LEU A 217 -23.75 -7.55 2.69
N ILE A 218 -23.62 -6.42 2.00
CA ILE A 218 -22.39 -6.05 1.30
C ILE A 218 -21.81 -4.81 1.95
N PHE A 219 -20.56 -4.88 2.39
CA PHE A 219 -19.89 -3.66 2.85
C PHE A 219 -18.43 -3.70 2.47
N THR A 220 -17.79 -2.54 2.49
CA THR A 220 -16.42 -2.38 2.03
C THR A 220 -15.44 -2.41 3.19
N GLY A 221 -14.16 -2.53 2.86
CA GLY A 221 -13.14 -2.55 3.89
C GLY A 221 -12.98 -1.23 4.62
N LYS A 222 -13.63 -0.17 4.16
CA LYS A 222 -13.58 1.13 4.82
C LYS A 222 -14.82 1.43 5.64
N CYS A 223 -15.85 0.60 5.55
CA CYS A 223 -17.07 0.83 6.32
C CYS A 223 -16.87 0.36 7.74
N VAL A 224 -17.18 1.25 8.70
CA VAL A 224 -17.06 0.90 10.11
C VAL A 224 -18.16 -0.09 10.48
N HIS A 225 -17.78 -1.18 11.11
CA HIS A 225 -18.71 -2.27 11.37
C HIS A 225 -18.15 -3.11 12.52
N GLY A 226 -18.91 -4.12 12.90
CA GLY A 226 -18.44 -5.11 13.85
C GLY A 226 -19.51 -6.13 14.14
N GLY A 227 -19.11 -7.38 14.43
CA GLY A 227 -20.07 -8.33 14.95
C GLY A 227 -20.82 -7.74 16.13
N GLY A 228 -22.10 -8.11 16.25
CA GLY A 228 -22.92 -7.67 17.36
C GLY A 228 -22.92 -8.68 18.49
N ALA A 229 -23.76 -8.40 19.50
CA ALA A 229 -23.87 -9.27 20.67
C ALA A 229 -25.02 -10.25 20.45
N ASN A 230 -24.74 -11.53 20.55
CA ASN A 230 -25.81 -12.53 20.49
C ASN A 230 -26.36 -12.72 21.89
N ARG A 231 -27.46 -12.05 22.19
CA ARG A 231 -28.17 -12.25 23.45
C ARG A 231 -29.25 -13.33 23.34
N SER A 232 -29.44 -13.92 22.17
CA SER A 232 -30.40 -15.01 22.02
C SER A 232 -29.86 -16.28 22.66
N ASP A 233 -30.58 -17.38 22.50
CA ASP A 233 -30.10 -18.68 22.93
C ASP A 233 -30.02 -19.65 21.75
N LYS A 234 -29.85 -19.11 20.54
CA LYS A 234 -29.57 -19.88 19.33
C LYS A 234 -28.41 -19.24 18.60
N PRO A 235 -27.56 -20.04 17.96
CA PRO A 235 -26.49 -19.46 17.17
C PRO A 235 -27.02 -18.61 16.03
N ARG A 236 -26.25 -17.58 15.70
CA ARG A 236 -26.48 -16.76 14.51
C ARG A 236 -25.32 -17.03 13.56
N ILE A 237 -25.64 -17.58 12.39
CA ILE A 237 -24.66 -18.15 11.46
C ILE A 237 -24.78 -17.41 10.13
N GLY A 238 -23.65 -16.88 9.67
CA GLY A 238 -23.58 -16.31 8.35
C GLY A 238 -22.45 -16.92 7.56
N LEU A 239 -22.50 -16.79 6.24
CA LEU A 239 -21.41 -17.13 5.35
C LEU A 239 -20.83 -15.83 4.81
N ALA A 240 -19.57 -15.58 5.10
CA ALA A 240 -18.93 -14.31 4.75
C ALA A 240 -17.85 -14.56 3.71
N LEU A 241 -18.03 -13.94 2.54
CA LEU A 241 -17.03 -13.89 1.48
C LEU A 241 -16.29 -12.55 1.56
N ALA A 242 -14.97 -12.59 1.61
CA ALA A 242 -14.17 -11.39 1.49
C ALA A 242 -13.45 -11.47 0.15
N ALA A 243 -13.73 -10.54 -0.74
CA ALA A 243 -13.07 -10.44 -2.04
C ALA A 243 -12.18 -9.22 -2.08
N GLN A 244 -11.14 -9.29 -2.92
CA GLN A 244 -10.10 -8.27 -2.95
C GLN A 244 -9.50 -8.29 -4.35
N PRO A 245 -8.75 -7.26 -4.72
CA PRO A 245 -8.05 -7.30 -6.02
C PRO A 245 -7.13 -8.51 -6.12
N GLY A 246 -6.99 -9.01 -7.36
CA GLY A 246 -6.13 -10.15 -7.60
C GLY A 246 -4.68 -9.89 -7.25
N TYR A 247 -4.29 -8.62 -7.19
CA TYR A 247 -2.89 -8.40 -6.83
C TYR A 247 -2.62 -8.50 -5.34
N LEU A 248 -3.65 -8.72 -4.51
CA LEU A 248 -3.48 -8.96 -3.08
C LEU A 248 -3.54 -10.45 -2.77
N THR A 249 -2.62 -10.91 -1.93
CA THR A 249 -2.51 -12.34 -1.63
C THR A 249 -3.69 -12.79 -0.79
N PRO A 250 -4.40 -13.86 -1.17
CA PRO A 250 -5.50 -14.35 -0.33
C PRO A 250 -5.00 -14.87 1.00
N ARG A 251 -5.74 -14.57 2.06
CA ARG A 251 -5.47 -15.23 3.34
C ARG A 251 -5.62 -16.75 3.22
N GLU A 252 -6.65 -17.21 2.52
CA GLU A 252 -7.00 -18.63 2.47
C GLU A 252 -6.47 -19.23 1.18
N SER A 253 -5.42 -20.03 1.27
CA SER A 253 -4.96 -20.76 0.09
C SER A 253 -5.83 -21.98 -0.14
N ASN A 254 -6.04 -22.31 -1.41
CA ASN A 254 -6.76 -23.50 -1.80
C ASN A 254 -5.92 -24.42 -2.66
N VAL A 255 -4.57 -24.32 -2.60
CA VAL A 255 -3.73 -25.23 -3.39
C VAL A 255 -3.88 -26.67 -2.93
N ASN A 256 -4.55 -26.89 -1.80
CA ASN A 256 -4.79 -28.19 -1.21
C ASN A 256 -6.11 -28.82 -1.64
N VAL A 257 -6.92 -28.16 -2.45
CA VAL A 257 -8.15 -28.81 -2.92
C VAL A 257 -7.79 -29.78 -4.04
N PRO A 258 -8.29 -31.02 -4.03
CA PRO A 258 -7.98 -31.94 -5.14
C PRO A 258 -8.29 -31.29 -6.47
N ARG A 259 -7.41 -31.51 -7.46
CA ARG A 259 -7.60 -30.88 -8.76
C ARG A 259 -8.91 -31.30 -9.40
N ASP A 260 -9.35 -32.54 -9.17
CA ASP A 260 -10.59 -33.02 -9.76
C ASP A 260 -11.79 -32.23 -9.25
N ILE A 261 -11.76 -31.82 -7.98
CA ILE A 261 -12.82 -30.94 -7.49
C ILE A 261 -12.79 -29.63 -8.27
N VAL A 262 -11.63 -28.96 -8.27
CA VAL A 262 -11.49 -27.67 -8.97
C VAL A 262 -11.95 -27.79 -10.42
N GLU A 263 -11.71 -28.92 -11.07
CA GLU A 263 -12.05 -29.02 -12.48
C GLU A 263 -13.54 -29.16 -12.73
N THR A 264 -14.34 -29.36 -11.69
CA THR A 264 -15.79 -29.33 -11.82
C THR A 264 -16.36 -27.94 -11.63
N MET A 265 -15.52 -26.92 -11.49
CA MET A 265 -15.93 -25.54 -11.22
C MET A 265 -15.83 -24.70 -12.50
N THR A 266 -16.63 -23.63 -12.56
CA THR A 266 -16.52 -22.66 -13.64
C THR A 266 -15.15 -21.98 -13.64
N PRO A 267 -14.72 -21.45 -14.80
CA PRO A 267 -13.47 -20.67 -14.79
C PRO A 267 -13.51 -19.50 -13.84
N LEU A 268 -14.68 -18.85 -13.71
CA LEU A 268 -14.80 -17.73 -12.79
C LEU A 268 -14.67 -18.19 -11.34
N ALA A 269 -15.36 -19.27 -10.95
CA ALA A 269 -15.21 -19.76 -9.59
C ALA A 269 -13.80 -20.23 -9.31
N GLN A 270 -13.14 -20.82 -10.32
CA GLN A 270 -11.74 -21.23 -10.15
C GLN A 270 -10.85 -20.03 -9.86
N ARG A 271 -11.06 -18.93 -10.58
CA ARG A 271 -10.30 -17.72 -10.26
C ARG A 271 -10.60 -17.24 -8.85
N MET A 272 -11.86 -17.34 -8.43
CA MET A 272 -12.24 -16.92 -7.07
C MET A 272 -11.35 -17.59 -6.03
N ILE A 273 -11.09 -18.89 -6.17
CA ILE A 273 -10.32 -19.63 -5.15
C ILE A 273 -8.84 -19.72 -5.50
N GLY A 274 -8.36 -18.85 -6.38
CA GLY A 274 -6.93 -18.79 -6.61
C GLY A 274 -6.41 -19.71 -7.68
N TRP A 275 -7.26 -20.54 -8.29
CA TRP A 275 -6.85 -21.41 -9.38
C TRP A 275 -7.03 -20.69 -10.71
N GLY A 276 -6.27 -19.62 -10.90
CA GLY A 276 -6.37 -18.86 -12.13
C GLY A 276 -5.53 -17.61 -12.14
N THR A 277 -5.17 -17.14 -13.33
CA THR A 277 -4.44 -15.90 -13.50
C THR A 277 -5.38 -14.73 -13.22
N VAL A 278 -4.87 -13.73 -12.52
CA VAL A 278 -5.63 -12.52 -12.26
C VAL A 278 -4.90 -11.35 -12.92
N ARG A 279 -5.67 -10.48 -13.57
CA ARG A 279 -5.12 -9.38 -14.36
C ARG A 279 -5.45 -8.04 -13.68
N THR A 280 -4.44 -7.17 -13.57
CA THR A 280 -4.63 -5.83 -13.03
C THR A 280 -5.35 -4.94 -14.06
N LYS A 281 -5.73 -3.74 -13.60
CA LYS A 281 -6.46 -2.82 -14.48
C LYS A 281 -5.63 -2.37 -15.68
N ASP A 282 -4.31 -2.57 -15.64
CA ASP A 282 -3.43 -2.33 -16.78
C ASP A 282 -3.23 -3.60 -17.62
N THR A 283 -3.94 -4.67 -17.31
CA THR A 283 -3.93 -5.99 -17.94
C THR A 283 -2.67 -6.79 -17.69
N TYR A 284 -1.79 -6.36 -16.78
CA TYR A 284 -0.65 -7.20 -16.43
C TYR A 284 -1.14 -8.40 -15.61
N GLY A 285 -0.64 -9.58 -15.98
CA GLY A 285 -1.07 -10.82 -15.35
C GLY A 285 -0.24 -11.23 -14.14
N LEU A 286 -0.92 -11.65 -13.09
CA LEU A 286 -0.31 -12.22 -11.90
C LEU A 286 -0.84 -13.64 -11.73
N ASN A 287 -0.14 -14.39 -10.89
CA ASN A 287 -0.46 -15.80 -10.66
C ASN A 287 -0.42 -16.53 -11.99
N MET A 288 0.69 -16.39 -12.69
CA MET A 288 0.92 -17.05 -13.96
C MET A 288 1.93 -18.18 -13.81
N LEU A 289 1.90 -19.09 -14.77
CA LEU A 289 2.70 -20.31 -14.76
C LEU A 289 3.37 -20.48 -16.11
N GLN A 290 4.67 -20.77 -16.09
CA GLN A 290 5.50 -20.91 -17.30
C GLN A 290 5.30 -19.74 -18.24
N ASP A 291 5.13 -18.55 -17.66
CA ASP A 291 4.89 -17.31 -18.40
C ASP A 291 3.62 -17.38 -19.25
N LYS A 292 2.67 -18.24 -18.84
CA LYS A 292 1.40 -18.40 -19.53
C LYS A 292 0.25 -18.21 -18.54
N ASP A 293 -0.94 -18.02 -19.10
CA ASP A 293 -2.15 -18.11 -18.30
C ASP A 293 -2.16 -19.40 -17.49
N PHE A 294 -2.53 -19.28 -16.21
CA PHE A 294 -2.56 -20.41 -15.29
C PHE A 294 -3.29 -21.61 -15.88
N HIS A 295 -4.48 -21.38 -16.44
CA HIS A 295 -5.27 -22.48 -17.00
C HIS A 295 -4.54 -23.15 -18.15
N GLU A 296 -4.06 -22.34 -19.11
CA GLU A 296 -3.39 -22.89 -20.29
C GLU A 296 -2.14 -23.66 -19.88
N ALA A 297 -1.36 -23.13 -18.95
CA ALA A 297 -0.13 -23.81 -18.54
C ALA A 297 -0.43 -25.20 -17.98
N LEU A 298 -1.53 -25.33 -17.23
CA LEU A 298 -1.82 -26.56 -16.49
C LEU A 298 -2.62 -27.59 -17.29
N GLY A 299 -3.32 -27.18 -18.34
CA GLY A 299 -4.39 -28.01 -18.84
C GLY A 299 -5.56 -28.11 -17.89
N LEU A 300 -5.81 -27.04 -17.13
CA LEU A 300 -6.88 -27.07 -16.12
C LEU A 300 -8.23 -27.13 -16.80
N LYS A 301 -8.96 -28.21 -16.58
CA LYS A 301 -10.32 -28.32 -17.10
C LYS A 301 -11.28 -27.54 -16.21
N SER A 302 -12.39 -27.09 -16.80
CA SER A 302 -13.39 -26.32 -16.08
C SER A 302 -14.77 -26.80 -16.49
N LYS A 303 -15.79 -26.38 -15.73
CA LYS A 303 -17.16 -26.83 -15.97
C LYS A 303 -17.81 -26.11 -17.16
N SER B 19 -10.33 -1.72 -19.65
CA SER B 19 -10.44 -0.31 -19.27
C SER B 19 -9.73 0.62 -20.30
N MET B 20 -10.26 1.83 -20.50
CA MET B 20 -9.59 2.77 -21.39
C MET B 20 -8.35 3.35 -20.71
N PRO B 21 -7.33 3.73 -21.48
CA PRO B 21 -6.05 4.17 -20.87
C PRO B 21 -6.21 5.48 -20.12
N PRO B 22 -5.32 5.76 -19.18
CA PRO B 22 -5.44 7.00 -18.40
C PRO B 22 -4.82 8.21 -19.09
N ILE B 23 -5.23 9.38 -18.61
CA ILE B 23 -4.75 10.65 -19.14
C ILE B 23 -3.40 10.93 -18.51
N ARG B 24 -2.37 10.96 -19.33
CA ARG B 24 -1.03 11.07 -18.78
C ARG B 24 -0.67 12.54 -18.55
N ARG B 25 0.29 12.75 -17.64
CA ARG B 25 0.69 14.08 -17.17
C ARG B 25 2.20 14.15 -17.11
N VAL B 26 2.71 15.38 -17.21
CA VAL B 26 4.13 15.64 -16.97
C VAL B 26 4.24 17.07 -16.47
N ASN B 27 5.19 17.30 -15.57
CA ASN B 27 5.43 18.65 -15.10
C ASN B 27 6.19 19.43 -16.18
N ALA B 28 5.76 20.68 -16.41
CA ALA B 28 6.40 21.48 -17.45
C ALA B 28 7.90 21.61 -17.25
N SER B 29 8.37 21.51 -16.00
CA SER B 29 9.81 21.54 -15.75
C SER B 29 10.53 20.37 -16.40
N GLN B 30 9.82 19.33 -16.83
CA GLN B 30 10.52 18.28 -17.56
C GLN B 30 10.72 18.63 -19.03
N GLY B 31 10.18 19.74 -19.51
CA GLY B 31 10.52 20.18 -20.85
C GLY B 31 9.46 19.79 -21.87
N SER B 32 9.38 20.58 -22.93
CA SER B 32 8.34 20.41 -23.94
C SER B 32 8.55 19.15 -24.76
N ASP B 33 9.79 18.68 -24.89
CA ASP B 33 10.02 17.39 -25.56
C ASP B 33 9.19 16.29 -24.92
N ALA B 34 9.15 16.24 -23.59
CA ALA B 34 8.44 15.15 -22.91
C ALA B 34 6.92 15.25 -23.09
N ALA B 35 6.36 16.46 -22.99
CA ALA B 35 4.92 16.62 -23.24
C ALA B 35 4.56 16.32 -24.68
N TYR B 36 5.47 16.66 -25.61
CA TYR B 36 5.19 16.42 -27.02
C TYR B 36 5.20 14.93 -27.31
N GLN B 37 6.15 14.20 -26.73
CA GLN B 37 6.19 12.75 -26.91
C GLN B 37 4.90 12.11 -26.42
N ILE B 38 4.37 12.55 -25.27
CA ILE B 38 3.10 11.98 -24.81
C ILE B 38 1.97 12.43 -25.71
N LEU B 39 2.00 13.66 -26.20
CA LEU B 39 0.98 14.14 -27.13
C LEU B 39 0.93 13.29 -28.40
N GLN B 40 2.10 12.83 -28.86
CA GLN B 40 2.12 12.04 -30.10
C GLN B 40 1.60 10.63 -29.86
N GLU B 41 1.86 10.07 -28.67
CA GLU B 41 1.45 8.71 -28.35
C GLU B 41 -0.02 8.61 -27.96
N ASP B 42 -0.56 9.65 -27.32
CA ASP B 42 -1.88 9.60 -26.72
C ASP B 42 -2.90 10.54 -27.35
N GLY B 43 -2.48 11.57 -28.11
CA GLY B 43 -3.36 12.62 -28.57
C GLY B 43 -3.71 13.66 -27.52
N CYS B 44 -3.24 13.50 -26.29
CA CYS B 44 -3.50 14.44 -25.21
C CYS B 44 -2.44 14.25 -24.11
N VAL B 45 -2.22 15.31 -23.34
CA VAL B 45 -1.32 15.31 -22.19
C VAL B 45 -1.74 16.46 -21.30
N ILE B 46 -1.54 16.28 -19.98
CA ILE B 46 -1.71 17.38 -19.02
C ILE B 46 -0.32 17.86 -18.61
N VAL B 47 -0.10 19.17 -18.71
CA VAL B 47 1.18 19.76 -18.37
C VAL B 47 0.99 20.50 -17.06
N GLU B 48 1.69 20.06 -16.03
CA GLU B 48 1.51 20.59 -14.69
C GLU B 48 2.42 21.79 -14.51
N GLN B 49 1.90 22.81 -13.82
CA GLN B 49 2.66 24.01 -13.47
C GLN B 49 3.39 24.59 -14.67
N VAL B 50 2.67 24.75 -15.78
CA VAL B 50 3.23 25.32 -16.99
C VAL B 50 3.15 26.85 -16.99
N ILE B 51 2.22 27.43 -16.23
CA ILE B 51 2.15 28.89 -16.13
C ILE B 51 1.95 29.28 -14.67
N CYS B 52 2.50 30.45 -14.31
CA CYS B 52 2.42 30.93 -12.93
C CYS B 52 0.96 31.19 -12.57
N PRO B 53 0.45 30.60 -11.49
CA PRO B 53 -0.96 30.77 -11.14
C PRO B 53 -1.36 32.22 -11.02
N ASN B 54 -0.40 33.10 -10.78
CA ASN B 54 -0.68 34.54 -10.68
C ASN B 54 -1.11 35.11 -12.02
N ILE B 55 -0.46 34.68 -13.09
CA ILE B 55 -0.82 35.17 -14.40
C ILE B 55 -2.25 34.77 -14.72
N ILE B 56 -2.59 33.50 -14.45
CA ILE B 56 -3.97 33.03 -14.63
C ILE B 56 -4.94 33.86 -13.82
N ALA B 57 -4.61 34.14 -12.55
CA ALA B 57 -5.51 34.92 -11.72
C ALA B 57 -5.71 36.31 -12.30
N LYS B 58 -4.64 36.95 -12.77
CA LYS B 58 -4.74 38.25 -13.42
C LYS B 58 -5.70 38.20 -14.61
N ILE B 59 -5.61 37.13 -15.42
CA ILE B 59 -6.54 36.97 -16.53
C ILE B 59 -7.95 36.68 -16.01
N SER B 60 -8.07 35.86 -14.95
CA SER B 60 -9.38 35.61 -14.37
C SER B 60 -10.06 36.89 -13.92
N ASP B 61 -9.31 37.81 -13.29
CA ASP B 61 -9.87 39.11 -12.94
C ASP B 61 -10.40 39.84 -14.16
N ASP B 62 -9.59 39.90 -15.23
CA ASP B 62 -9.99 40.63 -16.43
C ASP B 62 -11.27 40.06 -17.03
N VAL B 63 -11.42 38.74 -17.08
CA VAL B 63 -12.58 38.18 -17.75
C VAL B 63 -13.84 38.35 -16.92
N ASN B 64 -13.73 38.22 -15.59
CA ASN B 64 -14.91 38.31 -14.75
C ASN B 64 -15.50 39.72 -14.76
N ARG B 65 -14.65 40.74 -14.71
CA ARG B 65 -15.07 42.12 -14.79
C ARG B 65 -15.71 42.48 -16.14
N VAL B 66 -15.79 41.53 -17.07
CA VAL B 66 -16.51 41.66 -18.32
C VAL B 66 -17.63 40.63 -18.42
N MET B 67 -18.08 40.11 -17.28
CA MET B 67 -19.12 39.07 -17.27
C MET B 67 -20.31 39.47 -16.40
N MET B 85 -24.98 31.29 -25.34
CA MET B 85 -24.92 30.17 -24.40
C MET B 85 -25.65 28.92 -24.91
N HIS B 86 -25.00 27.77 -24.80
CA HIS B 86 -25.60 26.47 -25.09
C HIS B 86 -25.25 25.50 -23.97
N ASN B 87 -26.16 24.59 -23.68
CA ASN B 87 -25.93 23.50 -22.74
C ASN B 87 -25.29 24.02 -21.45
N ARG B 88 -25.87 25.11 -20.93
CA ARG B 88 -25.48 25.72 -19.66
C ARG B 88 -24.03 26.19 -19.67
N THR B 89 -23.43 26.26 -20.85
CA THR B 89 -22.03 26.66 -21.00
C THR B 89 -21.99 28.00 -21.70
N ILE B 90 -21.24 28.95 -21.15
CA ILE B 90 -20.99 30.23 -21.79
C ILE B 90 -19.67 30.15 -22.54
N HIS B 91 -19.67 30.65 -23.77
CA HIS B 91 -18.46 30.88 -24.56
C HIS B 91 -18.22 32.38 -24.64
N MET B 92 -17.01 32.80 -24.30
CA MET B 92 -16.65 34.22 -24.31
C MET B 92 -15.36 34.37 -25.12
N GLY B 93 -15.45 35.02 -26.28
CA GLY B 93 -14.31 35.30 -27.12
C GLY B 93 -13.77 36.69 -26.87
N ASP B 94 -13.02 37.19 -27.85
CA ASP B 94 -12.51 38.56 -27.82
C ASP B 94 -11.61 38.80 -26.62
N LEU B 95 -10.66 37.89 -26.42
CA LEU B 95 -9.79 38.00 -25.25
C LEU B 95 -8.70 39.03 -25.43
N VAL B 96 -8.33 39.37 -26.68
CA VAL B 96 -7.31 40.36 -26.93
C VAL B 96 -7.72 41.71 -26.37
N LEU B 97 -9.02 42.00 -26.39
CA LEU B 97 -9.52 43.28 -25.91
C LEU B 97 -9.73 43.26 -24.40
N THR B 98 -10.22 42.15 -23.86
CA THR B 98 -10.57 42.15 -22.45
C THR B 98 -9.37 41.99 -21.51
N SER B 99 -8.20 41.52 -21.97
CA SER B 99 -7.13 41.27 -21.01
C SER B 99 -5.75 41.52 -21.60
N LYS B 100 -4.97 42.38 -20.94
CA LYS B 100 -3.59 42.63 -21.35
C LYS B 100 -2.68 41.48 -20.95
N THR B 101 -2.92 40.86 -19.80
CA THR B 101 -2.12 39.70 -19.43
C THR B 101 -2.27 38.59 -20.46
N TYR B 102 -3.48 38.40 -20.98
CA TYR B 102 -3.68 37.45 -22.07
C TYR B 102 -2.79 37.78 -23.26
N ARG B 103 -2.84 39.03 -23.74
CA ARG B 103 -2.05 39.44 -24.90
C ARG B 103 -0.57 39.24 -24.70
N ASP B 104 -0.10 39.45 -23.48
CA ASP B 104 1.33 39.54 -23.22
C ASP B 104 1.89 38.21 -22.74
N GLU B 105 1.44 37.72 -21.59
CA GLU B 105 2.05 36.52 -21.02
C GLU B 105 1.49 35.26 -21.64
N LEU B 106 0.17 35.14 -21.76
CA LEU B 106 -0.40 33.88 -22.23
C LEU B 106 -0.05 33.66 -23.70
N LEU B 107 -0.30 34.64 -24.56
CA LEU B 107 -0.03 34.45 -25.99
C LEU B 107 1.44 34.24 -26.28
N ASN B 108 2.34 34.53 -25.33
CA ASN B 108 3.77 34.36 -25.56
C ASN B 108 4.37 33.18 -24.78
N LEU B 109 3.59 32.46 -23.97
CA LEU B 109 4.08 31.36 -23.13
C LEU B 109 5.04 30.45 -23.91
N PRO B 110 6.33 30.47 -23.58
CA PRO B 110 7.30 29.71 -24.40
C PRO B 110 7.03 28.22 -24.50
N PHE B 111 6.63 27.55 -23.40
CA PHE B 111 6.39 26.11 -23.44
C PHE B 111 5.32 25.76 -24.46
N ALA B 112 4.27 26.60 -24.55
CA ALA B 112 3.19 26.29 -25.49
C ALA B 112 3.67 26.41 -26.92
N HIS B 113 4.46 27.44 -27.25
CA HIS B 113 4.97 27.56 -28.62
C HIS B 113 5.96 26.45 -28.95
N GLU B 114 6.72 25.97 -27.96
CA GLU B 114 7.64 24.86 -28.22
C GLU B 114 6.87 23.62 -28.69
N VAL B 115 5.79 23.28 -28.00
CA VAL B 115 4.94 22.17 -28.40
C VAL B 115 4.30 22.43 -29.76
N LEU B 116 3.79 23.66 -29.97
CA LEU B 116 3.11 23.98 -31.21
C LEU B 116 4.08 23.91 -32.40
N GLU B 117 5.29 24.44 -32.21
CA GLU B 117 6.34 24.29 -33.22
C GLU B 117 6.57 22.81 -33.53
N LYS B 118 6.71 21.99 -32.49
CA LYS B 118 6.92 20.57 -32.72
C LYS B 118 5.76 19.94 -33.47
N VAL B 119 4.54 20.42 -33.23
CA VAL B 119 3.38 19.84 -33.91
C VAL B 119 3.33 20.27 -35.37
N PHE B 120 3.54 21.55 -35.64
CA PHE B 120 3.15 22.13 -36.92
C PHE B 120 4.30 22.40 -37.90
N LYS B 121 5.54 22.60 -37.43
CA LYS B 121 6.55 23.21 -38.30
C LYS B 121 6.86 22.36 -39.53
N LYS B 122 7.16 21.07 -39.34
CA LYS B 122 7.59 20.24 -40.47
C LYS B 122 6.44 19.90 -41.42
N ASP B 123 5.26 19.55 -40.89
CA ASP B 123 4.11 19.20 -41.74
C ASP B 123 3.42 20.42 -42.34
N SER B 124 3.38 21.54 -41.63
CA SER B 124 2.48 22.61 -42.01
C SER B 124 3.14 23.96 -42.10
N GLY B 125 4.03 24.28 -41.16
CA GLY B 125 4.65 25.59 -41.15
C GLY B 125 4.19 26.43 -39.98
N ASP B 126 4.01 27.72 -40.21
CA ASP B 126 3.58 28.62 -39.16
C ASP B 126 2.17 28.26 -38.72
N TYR B 127 1.87 28.55 -37.46
CA TYR B 127 0.56 28.33 -36.89
C TYR B 127 0.04 29.66 -36.31
N TRP B 128 -1.25 29.72 -36.09
CA TRP B 128 -1.85 30.89 -35.46
C TRP B 128 -3.18 30.45 -34.87
N LEU B 129 -3.90 31.39 -34.26
CA LEU B 129 -5.07 31.03 -33.46
C LEU B 129 -6.28 30.81 -34.36
N ASN B 130 -6.98 29.69 -34.16
CA ASN B 130 -8.35 29.59 -34.65
C ASN B 130 -9.26 30.52 -33.87
N ALA B 131 -9.14 30.47 -32.55
CA ALA B 131 -9.90 31.26 -31.59
C ALA B 131 -9.28 31.06 -30.23
N GLY B 132 -9.53 32.00 -29.33
CA GLY B 132 -9.30 31.78 -27.92
C GLY B 132 -10.55 32.13 -27.13
N VAL B 133 -11.11 31.18 -26.38
CA VAL B 133 -12.42 31.39 -25.76
C VAL B 133 -12.38 31.02 -24.28
N ILE B 134 -13.10 31.79 -23.48
CA ILE B 134 -13.42 31.39 -22.11
C ILE B 134 -14.57 30.40 -22.17
N LEU B 135 -14.36 29.20 -21.66
CA LEU B 135 -15.42 28.19 -21.57
C LEU B 135 -15.89 28.17 -20.13
N ASN B 136 -17.02 28.84 -19.89
CA ASN B 136 -17.61 28.97 -18.57
C ASN B 136 -18.73 27.94 -18.43
N MET B 137 -18.41 26.81 -17.78
CA MET B 137 -19.36 25.72 -17.66
C MET B 137 -20.12 25.86 -16.33
N LEU B 138 -21.40 26.15 -16.43
CA LEU B 138 -22.21 26.45 -15.26
C LEU B 138 -22.82 25.18 -14.70
N PRO B 139 -23.19 25.18 -13.42
CA PRO B 139 -23.84 24.01 -12.83
C PRO B 139 -25.03 23.55 -13.66
N GLY B 140 -25.09 22.24 -13.92
CA GLY B 140 -26.15 21.66 -14.71
C GLY B 140 -25.82 21.36 -16.15
N ALA B 141 -24.63 21.75 -16.62
CA ALA B 141 -24.22 21.40 -17.97
C ALA B 141 -24.01 19.91 -18.10
N GLU B 142 -24.49 19.34 -19.20
CA GLU B 142 -24.35 17.90 -19.46
C GLU B 142 -23.13 17.58 -20.33
N ALA B 143 -22.66 16.34 -20.20
CA ALA B 143 -21.49 15.88 -20.94
C ALA B 143 -21.74 15.92 -22.43
N GLN B 144 -20.82 16.52 -23.18
CA GLN B 144 -20.96 16.52 -24.62
C GLN B 144 -20.86 15.10 -25.15
N ARG B 145 -21.40 14.90 -26.36
CA ARG B 145 -21.11 13.67 -27.08
C ARG B 145 -19.63 13.68 -27.43
N PRO B 146 -18.89 12.59 -27.20
CA PRO B 146 -17.45 12.60 -27.52
C PRO B 146 -17.21 12.73 -29.02
N HIS B 147 -16.21 13.54 -29.38
CA HIS B 147 -15.99 13.94 -30.77
C HIS B 147 -14.53 14.28 -31.01
N ARG B 148 -14.22 14.54 -32.28
CA ARG B 148 -12.94 15.09 -32.71
C ARG B 148 -13.15 16.52 -33.14
N ASP B 149 -12.31 17.44 -32.64
CA ASP B 149 -12.48 18.85 -33.00
C ASP B 149 -12.20 19.10 -34.48
N ASP B 150 -11.49 18.22 -35.15
CA ASP B 150 -11.18 18.54 -36.53
C ASP B 150 -12.30 18.19 -37.48
N TYR B 151 -13.44 17.70 -36.97
CA TYR B 151 -14.58 17.45 -37.86
C TYR B 151 -15.07 18.73 -38.53
N LEU B 152 -14.88 19.88 -37.89
CA LEU B 152 -15.39 21.10 -38.49
C LEU B 152 -14.49 21.67 -39.58
N TYR B 153 -13.33 21.04 -39.85
CA TYR B 153 -12.53 21.39 -41.01
C TYR B 153 -12.78 20.34 -42.10
N PRO B 154 -13.42 20.70 -43.21
CA PRO B 154 -13.89 19.64 -44.13
C PRO B 154 -12.78 18.75 -44.68
N VAL B 155 -11.53 19.23 -44.75
CA VAL B 155 -10.45 18.40 -45.29
C VAL B 155 -10.12 17.21 -44.39
N SER B 156 -10.40 17.30 -43.09
CA SER B 156 -10.04 16.23 -42.15
C SER B 156 -10.72 14.92 -42.52
N GLN B 157 -11.92 14.98 -43.09
CA GLN B 157 -12.64 13.78 -43.49
C GLN B 157 -12.09 13.14 -44.75
N HIS B 158 -11.09 13.76 -45.40
CA HIS B 158 -10.47 13.21 -46.60
C HIS B 158 -9.06 12.72 -46.32
N MET B 159 -8.63 12.69 -45.06
CA MET B 159 -7.25 12.42 -44.71
C MET B 159 -7.23 11.26 -43.73
N ASP B 160 -6.24 10.40 -43.86
CA ASP B 160 -6.12 9.27 -42.97
C ASP B 160 -5.65 9.77 -41.61
N PRO B 161 -6.46 9.64 -40.55
CA PRO B 161 -6.04 10.17 -39.25
C PRO B 161 -4.73 9.59 -38.74
N ALA B 162 -4.37 8.37 -39.16
CA ALA B 162 -3.15 7.75 -38.66
C ALA B 162 -1.90 8.32 -39.30
N THR B 163 -2.01 9.04 -40.41
CA THR B 163 -0.84 9.55 -41.12
C THR B 163 -0.88 11.04 -41.42
N SER B 164 -2.03 11.69 -41.33
CA SER B 164 -2.18 13.07 -41.76
C SER B 164 -1.62 14.04 -40.72
N PRO B 165 -1.26 15.24 -41.13
CA PRO B 165 -0.88 16.26 -40.16
C PRO B 165 -2.02 16.57 -39.21
N ASP B 166 -1.66 17.21 -38.11
CA ASP B 166 -2.68 17.74 -37.22
C ASP B 166 -3.16 19.06 -37.79
N LEU B 167 -4.48 19.24 -37.81
CA LEU B 167 -5.06 20.49 -38.24
C LEU B 167 -5.23 21.47 -37.09
N MET B 168 -5.17 20.99 -35.85
CA MET B 168 -5.59 21.82 -34.73
C MET B 168 -5.03 21.28 -33.43
N ILE B 169 -4.65 22.20 -32.54
CA ILE B 169 -4.22 21.87 -31.19
C ILE B 169 -5.03 22.73 -30.26
N ASN B 170 -5.69 22.08 -29.30
CA ASN B 170 -6.39 22.77 -28.23
C ASN B 170 -5.48 22.82 -27.00
N ILE B 171 -5.29 24.00 -26.43
CA ILE B 171 -4.66 24.14 -25.13
C ILE B 171 -5.63 24.83 -24.19
N THR B 172 -5.93 24.20 -23.05
CA THR B 172 -6.95 24.68 -22.13
C THR B 172 -6.33 24.93 -20.76
N PHE B 173 -6.39 26.19 -20.30
CA PHE B 173 -5.89 26.56 -18.98
C PHE B 173 -7.05 26.62 -18.00
N PRO B 174 -7.09 25.80 -16.96
CA PRO B 174 -8.13 25.97 -15.93
C PRO B 174 -7.98 27.31 -15.24
N LEU B 175 -9.08 28.06 -15.17
CA LEU B 175 -9.09 29.27 -14.35
C LEU B 175 -9.56 28.99 -12.93
N ASN B 176 -10.19 27.84 -12.72
CA ASN B 176 -10.39 27.27 -11.40
C ASN B 176 -10.24 25.76 -11.54
N GLU B 177 -10.32 25.06 -10.41
CA GLU B 177 -10.03 23.64 -10.38
C GLU B 177 -10.92 22.85 -11.33
N PHE B 178 -10.30 21.94 -12.08
CA PHE B 178 -11.02 20.98 -12.92
C PHE B 178 -11.12 19.67 -12.16
N ARG B 179 -12.34 19.17 -11.97
CA ARG B 179 -12.54 17.81 -11.49
C ARG B 179 -13.51 17.08 -12.40
N HIS B 180 -13.59 15.76 -12.22
CA HIS B 180 -14.59 15.02 -12.97
C HIS B 180 -16.00 15.50 -12.65
N ASP B 181 -16.24 15.89 -11.39
CA ASP B 181 -17.62 16.17 -10.99
C ASP B 181 -18.10 17.56 -11.42
N ASN B 182 -17.20 18.49 -11.72
CA ASN B 182 -17.61 19.80 -12.21
C ASN B 182 -17.37 19.97 -13.71
N GLY B 183 -17.28 18.87 -14.46
CA GLY B 183 -17.26 18.95 -15.90
C GLY B 183 -15.89 18.98 -16.56
N GLY B 184 -14.82 18.76 -15.79
CA GLY B 184 -13.49 18.68 -16.36
C GLY B 184 -13.47 17.83 -17.61
N THR B 185 -12.80 18.34 -18.64
CA THR B 185 -12.86 17.78 -19.99
C THR B 185 -12.65 16.28 -20.00
N LEU B 186 -13.54 15.56 -20.68
CA LEU B 186 -13.40 14.12 -20.83
C LEU B 186 -12.56 13.82 -22.07
N LEU B 187 -11.73 12.78 -21.98
CA LEU B 187 -10.81 12.42 -23.05
C LEU B 187 -10.72 10.90 -23.18
N LEU B 188 -10.47 10.45 -24.40
CA LEU B 188 -10.16 9.05 -24.66
C LEU B 188 -8.71 9.00 -25.11
N PRO B 189 -7.77 8.79 -24.19
CA PRO B 189 -6.35 8.75 -24.58
C PRO B 189 -6.07 7.67 -25.61
N LYS B 190 -5.28 8.05 -26.62
CA LYS B 190 -4.81 7.14 -27.68
C LYS B 190 -5.90 6.83 -28.71
N SER B 191 -6.88 7.72 -28.87
CA SER B 191 -7.91 7.61 -29.89
C SER B 191 -7.61 8.43 -31.15
N HIS B 192 -6.40 8.97 -31.28
CA HIS B 192 -6.13 9.98 -32.29
C HIS B 192 -5.63 9.40 -33.62
N THR B 193 -5.46 8.08 -33.72
CA THR B 193 -5.07 7.47 -34.98
C THR B 193 -6.14 6.57 -35.57
N GLY B 194 -7.30 6.47 -34.94
CA GLY B 194 -8.38 5.67 -35.43
C GLY B 194 -9.16 6.38 -36.52
N PRO B 195 -9.87 5.61 -37.36
CA PRO B 195 -10.62 6.23 -38.46
C PRO B 195 -11.72 7.13 -37.95
N ASN B 196 -12.00 8.16 -38.74
CA ASN B 196 -13.16 8.99 -38.50
C ASN B 196 -14.42 8.13 -38.44
N ALA B 197 -15.24 8.39 -37.42
CA ALA B 197 -16.40 7.56 -37.14
C ALA B 197 -17.54 8.43 -36.67
N ASP B 198 -18.77 7.90 -36.77
CA ASP B 198 -19.93 8.59 -36.21
C ASP B 198 -19.97 8.46 -34.69
N PHE B 199 -19.43 7.37 -34.15
CA PHE B 199 -19.47 7.12 -32.73
C PHE B 199 -18.06 6.81 -32.23
N TYR B 200 -17.73 7.39 -31.09
CA TYR B 200 -16.41 7.20 -30.53
C TYR B 200 -16.43 6.56 -29.15
N ALA B 201 -17.34 6.98 -28.26
CA ALA B 201 -17.44 6.42 -26.91
C ALA B 201 -18.62 7.07 -26.20
N ASN B 202 -19.04 6.46 -25.09
CA ASN B 202 -20.02 7.07 -24.23
C ASN B 202 -19.29 7.95 -23.23
N ALA B 203 -19.77 9.18 -23.03
CA ALA B 203 -19.07 10.12 -22.17
C ALA B 203 -18.86 9.54 -20.77
N GLU B 204 -19.86 8.81 -20.27
CA GLU B 204 -19.83 8.30 -18.91
C GLU B 204 -18.71 7.30 -18.66
N ASP B 205 -18.11 6.76 -19.73
CA ASP B 205 -16.99 5.82 -19.60
C ASP B 205 -15.64 6.52 -19.64
N LEU B 206 -15.61 7.85 -19.79
CA LEU B 206 -14.33 8.47 -20.12
C LEU B 206 -13.70 9.13 -18.90
N PRO B 207 -12.37 9.14 -18.81
CA PRO B 207 -11.72 9.80 -17.67
C PRO B 207 -11.69 11.30 -17.86
N ALA B 208 -11.77 12.02 -16.74
CA ALA B 208 -11.74 13.47 -16.81
C ALA B 208 -10.31 13.99 -16.66
N ALA B 209 -10.04 15.11 -17.32
CA ALA B 209 -8.83 15.85 -17.06
C ALA B 209 -9.03 16.60 -15.75
N GLU B 210 -8.31 16.20 -14.72
CA GLU B 210 -8.37 16.88 -13.44
C GLU B 210 -7.06 17.63 -13.25
N MET B 211 -7.15 18.93 -12.98
CA MET B 211 -5.94 19.75 -12.91
C MET B 211 -6.25 21.06 -12.19
N GLN B 212 -5.17 21.77 -11.85
CA GLN B 212 -5.17 22.96 -11.01
C GLN B 212 -4.87 24.20 -11.84
N VAL B 213 -5.23 25.36 -11.29
CA VAL B 213 -4.81 26.63 -11.85
C VAL B 213 -3.31 26.63 -12.02
N GLY B 214 -2.85 27.02 -13.21
CA GLY B 214 -1.44 26.92 -13.54
C GLY B 214 -1.08 25.70 -14.35
N ASP B 215 -1.99 24.72 -14.45
CA ASP B 215 -1.83 23.59 -15.36
C ASP B 215 -2.40 23.92 -16.74
N ALA B 216 -2.23 22.98 -17.67
CA ALA B 216 -2.89 23.08 -18.96
C ALA B 216 -3.16 21.68 -19.49
N LEU B 217 -4.23 21.55 -20.26
CA LEU B 217 -4.55 20.34 -21.00
C LEU B 217 -4.27 20.65 -22.46
N ILE B 218 -3.46 19.81 -23.10
CA ILE B 218 -3.19 19.92 -24.53
C ILE B 218 -3.75 18.69 -25.21
N PHE B 219 -4.57 18.88 -26.24
CA PHE B 219 -5.00 17.75 -27.06
C PHE B 219 -5.13 18.22 -28.50
N THR B 220 -5.14 17.24 -29.42
CA THR B 220 -5.17 17.51 -30.85
C THR B 220 -6.59 17.44 -31.42
N GLY B 221 -6.71 17.89 -32.67
CA GLY B 221 -8.00 17.82 -33.33
C GLY B 221 -8.49 16.42 -33.61
N LYS B 222 -7.63 15.41 -33.43
CA LYS B 222 -8.01 14.02 -33.65
C LYS B 222 -8.34 13.26 -32.38
N CYS B 223 -8.04 13.84 -31.22
CA CYS B 223 -8.25 13.13 -29.95
C CYS B 223 -9.72 13.22 -29.58
N VAL B 224 -10.34 12.05 -29.36
CA VAL B 224 -11.73 11.98 -28.93
C VAL B 224 -11.85 12.63 -27.56
N HIS B 225 -12.83 13.51 -27.41
CA HIS B 225 -12.96 14.28 -26.18
C HIS B 225 -14.35 14.86 -26.13
N GLY B 226 -14.63 15.56 -25.03
CA GLY B 226 -15.88 16.28 -24.89
C GLY B 226 -16.02 16.90 -23.52
N GLY B 227 -16.69 18.05 -23.43
CA GLY B 227 -16.96 18.63 -22.13
C GLY B 227 -17.66 17.63 -21.23
N GLY B 228 -17.33 17.68 -19.94
CA GLY B 228 -17.97 16.82 -18.96
C GLY B 228 -19.25 17.44 -18.40
N ALA B 229 -19.83 16.74 -17.45
CA ALA B 229 -21.07 17.20 -16.82
C ALA B 229 -20.72 17.90 -15.53
N ASN B 230 -21.16 19.15 -15.37
CA ASN B 230 -20.94 19.88 -14.13
C ASN B 230 -22.08 19.56 -13.17
N ARG B 231 -21.83 18.63 -12.26
CA ARG B 231 -22.75 18.33 -11.17
C ARG B 231 -22.54 19.23 -9.95
N SER B 232 -21.49 20.04 -9.95
CA SER B 232 -21.21 20.90 -8.80
C SER B 232 -22.25 22.01 -8.71
N ASP B 233 -22.10 22.87 -7.71
CA ASP B 233 -22.93 24.05 -7.59
C ASP B 233 -22.11 25.33 -7.76
N LYS B 234 -20.95 25.21 -8.43
CA LYS B 234 -20.12 26.33 -8.82
C LYS B 234 -19.64 26.14 -10.25
N PRO B 235 -19.50 27.21 -11.02
CA PRO B 235 -19.05 27.05 -12.40
C PRO B 235 -17.64 26.48 -12.49
N ARG B 236 -17.35 25.92 -13.66
CA ARG B 236 -16.03 25.43 -14.02
C ARG B 236 -15.64 26.17 -15.29
N ILE B 237 -14.54 26.91 -15.21
CA ILE B 237 -14.17 27.90 -16.22
C ILE B 237 -12.75 27.59 -16.67
N GLY B 238 -12.60 27.39 -17.98
CA GLY B 238 -11.29 27.25 -18.57
C GLY B 238 -11.09 28.28 -19.67
N LEU B 239 -9.84 28.60 -19.98
CA LEU B 239 -9.49 29.41 -21.14
C LEU B 239 -8.94 28.47 -22.20
N ALA B 240 -9.63 28.37 -23.35
CA ALA B 240 -9.27 27.40 -24.39
C ALA B 240 -8.67 28.11 -25.59
N LEU B 241 -7.41 27.79 -25.90
CA LEU B 241 -6.72 28.23 -27.11
C LEU B 241 -6.81 27.14 -28.16
N ALA B 242 -7.30 27.50 -29.34
CA ALA B 242 -7.35 26.58 -30.47
C ALA B 242 -6.40 27.15 -31.53
N ALA B 243 -5.28 26.46 -31.74
CA ALA B 243 -4.27 26.84 -32.74
C ALA B 243 -4.32 25.89 -33.93
N GLN B 244 -3.89 26.39 -35.07
CA GLN B 244 -4.06 25.68 -36.33
C GLN B 244 -3.03 26.23 -37.31
N PRO B 245 -2.73 25.50 -38.39
CA PRO B 245 -1.78 26.02 -39.38
C PRO B 245 -2.21 27.38 -39.93
N GLY B 246 -1.20 28.19 -40.30
CA GLY B 246 -1.47 29.49 -40.85
C GLY B 246 -2.28 29.45 -42.13
N TYR B 247 -2.22 28.33 -42.86
CA TYR B 247 -2.96 28.31 -44.12
C TYR B 247 -4.45 28.03 -43.94
N LEU B 248 -4.93 27.80 -42.71
CA LEU B 248 -6.36 27.66 -42.43
C LEU B 248 -6.91 28.94 -41.82
N THR B 249 -8.10 29.33 -42.26
CA THR B 249 -8.69 30.60 -41.86
C THR B 249 -9.16 30.58 -40.41
N PRO B 250 -8.74 31.53 -39.57
CA PRO B 250 -9.24 31.59 -38.20
C PRO B 250 -10.74 31.77 -38.14
N ARG B 251 -11.37 31.09 -37.18
CA ARG B 251 -12.76 31.39 -36.87
C ARG B 251 -12.92 32.81 -36.34
N GLU B 252 -12.05 33.21 -35.41
CA GLU B 252 -12.17 34.49 -34.72
C GLU B 252 -11.24 35.49 -35.40
N SER B 253 -11.83 36.43 -36.15
CA SER B 253 -11.06 37.53 -36.71
C SER B 253 -10.78 38.58 -35.63
N ASN B 254 -9.63 39.24 -35.77
CA ASN B 254 -9.23 40.30 -34.85
C ASN B 254 -8.97 41.62 -35.60
N VAL B 255 -9.48 41.78 -36.82
CA VAL B 255 -9.21 43.02 -37.55
C VAL B 255 -9.92 44.22 -36.93
N ASN B 256 -10.78 44.00 -35.94
CA ASN B 256 -11.47 45.06 -35.20
C ASN B 256 -10.74 45.47 -33.92
N VAL B 257 -9.65 44.80 -33.54
CA VAL B 257 -8.89 45.27 -32.38
C VAL B 257 -8.17 46.56 -32.75
N PRO B 258 -8.15 47.58 -31.89
CA PRO B 258 -7.47 48.83 -32.27
C PRO B 258 -6.01 48.57 -32.57
N ARG B 259 -5.50 49.23 -33.62
CA ARG B 259 -4.11 48.99 -34.00
C ARG B 259 -3.16 49.31 -32.87
N ASP B 260 -3.46 50.35 -32.08
CA ASP B 260 -2.58 50.73 -30.98
C ASP B 260 -2.46 49.61 -29.96
N ILE B 261 -3.54 48.85 -29.74
CA ILE B 261 -3.42 47.71 -28.83
C ILE B 261 -2.49 46.66 -29.43
N VAL B 262 -2.75 46.25 -30.67
CA VAL B 262 -1.91 45.26 -31.36
C VAL B 262 -0.45 45.70 -31.36
N GLU B 263 -0.19 47.00 -31.53
CA GLU B 263 1.20 47.44 -31.59
C GLU B 263 1.91 47.34 -30.24
N THR B 264 1.19 47.10 -29.13
CA THR B 264 1.84 46.84 -27.85
C THR B 264 2.16 45.36 -27.64
N MET B 265 1.98 44.52 -28.66
CA MET B 265 2.15 43.07 -28.58
C MET B 265 3.43 42.63 -29.30
N THR B 266 3.96 41.49 -28.90
CA THR B 266 5.13 40.92 -29.56
C THR B 266 4.79 40.53 -31.00
N PRO B 267 5.79 40.38 -31.86
CA PRO B 267 5.51 39.85 -33.20
C PRO B 267 4.87 38.47 -33.19
N LEU B 268 5.31 37.58 -32.30
CA LEU B 268 4.72 36.25 -32.21
C LEU B 268 3.24 36.34 -31.82
N ALA B 269 2.93 37.09 -30.76
CA ALA B 269 1.52 37.24 -30.38
C ALA B 269 0.73 37.94 -31.48
N GLN B 270 1.34 38.87 -32.21
CA GLN B 270 0.64 39.50 -33.32
C GLN B 270 0.31 38.48 -34.42
N ARG B 271 1.23 37.57 -34.71
CA ARG B 271 0.91 36.51 -35.67
C ARG B 271 -0.22 35.62 -35.15
N MET B 272 -0.19 35.30 -33.85
CA MET B 272 -1.22 34.45 -33.26
C MET B 272 -2.63 34.98 -33.51
N ILE B 273 -2.83 36.30 -33.47
CA ILE B 273 -4.16 36.87 -33.65
C ILE B 273 -4.41 37.33 -35.08
N GLY B 274 -3.58 36.89 -36.03
CA GLY B 274 -3.85 37.18 -37.42
C GLY B 274 -3.21 38.43 -37.95
N TRP B 275 -2.56 39.22 -37.09
CA TRP B 275 -1.89 40.46 -37.50
C TRP B 275 -0.43 40.14 -37.88
N GLY B 276 -0.29 39.35 -38.92
CA GLY B 276 1.03 39.03 -39.45
C GLY B 276 0.96 38.01 -40.57
N THR B 277 2.06 37.91 -41.33
CA THR B 277 2.17 36.93 -42.40
C THR B 277 2.46 35.57 -41.80
N VAL B 278 1.86 34.53 -42.37
CA VAL B 278 2.14 33.17 -41.97
C VAL B 278 2.71 32.42 -43.15
N ARG B 279 3.71 31.58 -42.91
CA ARG B 279 4.47 30.89 -43.95
C ARG B 279 4.26 29.38 -43.86
N THR B 280 3.94 28.75 -44.99
CA THR B 280 3.81 27.29 -45.02
C THR B 280 5.17 26.61 -44.86
N LYS B 281 5.13 25.28 -44.71
CA LYS B 281 6.34 24.49 -44.57
C LYS B 281 7.27 24.62 -45.78
N ASP B 282 6.73 24.99 -46.94
CA ASP B 282 7.51 25.29 -48.14
C ASP B 282 7.95 26.75 -48.20
N THR B 283 7.68 27.54 -47.15
CA THR B 283 8.03 28.94 -46.97
C THR B 283 7.21 29.87 -47.85
N TYR B 284 6.13 29.39 -48.46
CA TYR B 284 5.27 30.29 -49.21
C TYR B 284 4.44 31.12 -48.23
N GLY B 285 4.37 32.42 -48.48
CA GLY B 285 3.71 33.33 -47.57
C GLY B 285 2.21 33.49 -47.86
N LEU B 286 1.41 33.45 -46.80
CA LEU B 286 0.00 33.77 -46.85
C LEU B 286 -0.28 34.95 -45.94
N ASN B 287 -1.42 35.61 -46.20
CA ASN B 287 -1.79 36.81 -45.44
C ASN B 287 -0.71 37.88 -45.59
N MET B 288 -0.31 38.14 -46.82
CA MET B 288 0.64 39.21 -47.08
C MET B 288 -0.08 40.39 -47.70
N LEU B 289 0.60 41.55 -47.69
CA LEU B 289 0.04 42.81 -48.13
C LEU B 289 0.99 43.49 -49.10
N GLN B 290 0.42 44.05 -50.18
CA GLN B 290 1.17 44.67 -51.27
C GLN B 290 2.37 43.81 -51.62
N ASP B 291 2.17 42.49 -51.62
CA ASP B 291 3.20 41.52 -52.01
C ASP B 291 4.41 41.56 -51.08
N LYS B 292 4.22 41.98 -49.84
CA LYS B 292 5.30 42.02 -48.85
C LYS B 292 4.80 41.44 -47.54
N ASP B 293 5.73 41.24 -46.63
CA ASP B 293 5.38 40.80 -45.29
C ASP B 293 4.39 41.77 -44.67
N PHE B 294 3.40 41.22 -43.97
CA PHE B 294 2.31 42.00 -43.40
C PHE B 294 2.83 43.17 -42.56
N HIS B 295 3.84 42.91 -41.72
CA HIS B 295 4.37 43.97 -40.86
C HIS B 295 5.03 45.07 -41.69
N GLU B 296 5.88 44.68 -42.64
CA GLU B 296 6.58 45.64 -43.49
C GLU B 296 5.59 46.48 -44.28
N ALA B 297 4.61 45.84 -44.90
CA ALA B 297 3.64 46.57 -45.71
C ALA B 297 2.89 47.62 -44.89
N LEU B 298 2.70 47.40 -43.58
CA LEU B 298 1.88 48.26 -42.74
C LEU B 298 2.65 49.28 -41.92
N GLY B 299 3.93 49.05 -41.66
CA GLY B 299 4.62 49.79 -40.61
C GLY B 299 4.17 49.38 -39.22
N LEU B 300 3.82 48.11 -39.03
CA LEU B 300 3.29 47.66 -37.76
C LEU B 300 4.38 47.65 -36.70
N LYS B 301 4.22 48.47 -35.66
CA LYS B 301 5.15 48.42 -34.55
C LYS B 301 4.79 47.26 -33.63
N SER B 302 5.71 46.92 -32.73
CA SER B 302 5.50 45.75 -31.88
C SER B 302 6.42 45.84 -30.67
N LYS B 303 6.00 45.21 -29.57
CA LYS B 303 6.86 45.05 -28.39
C LYS B 303 7.94 44.01 -28.65
N MET C 20 23.16 13.90 -13.24
CA MET C 20 22.55 13.07 -12.20
C MET C 20 23.61 12.58 -11.21
N PRO C 21 23.20 12.18 -10.01
CA PRO C 21 24.14 11.60 -9.04
C PRO C 21 24.67 10.27 -9.53
N PRO C 22 25.78 9.79 -8.97
CA PRO C 22 26.35 8.50 -9.39
C PRO C 22 25.74 7.31 -8.67
N ILE C 23 25.83 6.15 -9.32
CA ILE C 23 25.42 4.88 -8.75
C ILE C 23 26.48 4.45 -7.75
N ARG C 24 26.16 4.50 -6.46
CA ARG C 24 27.19 4.26 -5.45
C ARG C 24 27.38 2.77 -5.22
N ARG C 25 28.60 2.42 -4.79
CA ARG C 25 29.01 1.03 -4.66
C ARG C 25 29.50 0.76 -3.26
N VAL C 26 29.37 -0.50 -2.85
CA VAL C 26 29.81 -0.95 -1.55
C VAL C 26 30.22 -2.41 -1.73
N ASN C 27 31.18 -2.83 -0.94
CA ASN C 27 31.59 -4.23 -0.94
C ASN C 27 30.78 -4.99 0.11
N ALA C 28 30.41 -6.23 -0.23
CA ALA C 28 29.65 -7.06 0.70
C ALA C 28 30.39 -7.23 2.03
N SER C 29 31.71 -7.09 2.03
CA SER C 29 32.46 -7.14 3.29
C SER C 29 32.05 -6.01 4.24
N GLN C 30 31.62 -4.86 3.71
CA GLN C 30 31.14 -3.76 4.53
C GLN C 30 29.84 -4.08 5.26
N GLY C 31 29.21 -5.20 4.93
CA GLY C 31 28.00 -5.60 5.65
C GLY C 31 26.73 -5.06 5.02
N SER C 32 25.66 -5.84 5.18
CA SER C 32 24.37 -5.51 4.57
C SER C 32 23.82 -4.17 5.03
N ASP C 33 24.19 -3.71 6.23
CA ASP C 33 23.67 -2.42 6.65
C ASP C 33 24.30 -1.28 5.87
N ALA C 34 25.53 -1.46 5.39
CA ALA C 34 26.14 -0.48 4.52
C ALA C 34 25.43 -0.43 3.16
N ALA C 35 25.09 -1.60 2.61
CA ALA C 35 24.29 -1.63 1.38
C ALA C 35 22.91 -1.04 1.59
N TYR C 36 22.27 -1.42 2.70
CA TYR C 36 20.91 -0.93 2.94
C TYR C 36 20.89 0.59 3.07
N GLN C 37 21.94 1.16 3.65
CA GLN C 37 21.93 2.60 3.87
C GLN C 37 22.03 3.37 2.55
N ILE C 38 22.86 2.90 1.62
CA ILE C 38 22.86 3.53 0.30
C ILE C 38 21.53 3.28 -0.40
N LEU C 39 20.92 2.12 -0.18
CA LEU C 39 19.62 1.87 -0.81
C LEU C 39 18.60 2.92 -0.38
N GLN C 40 18.61 3.30 0.89
CA GLN C 40 17.58 4.23 1.33
C GLN C 40 17.94 5.67 0.99
N GLU C 41 19.22 5.98 0.83
CA GLU C 41 19.56 7.33 0.38
C GLU C 41 19.42 7.49 -1.13
N ASP C 42 19.64 6.43 -1.90
CA ASP C 42 19.72 6.51 -3.35
C ASP C 42 18.64 5.74 -4.09
N GLY C 43 18.02 4.74 -3.45
CA GLY C 43 17.10 3.86 -4.13
C GLY C 43 17.74 2.73 -4.89
N CYS C 44 19.07 2.73 -5.01
CA CYS C 44 19.81 1.67 -5.68
C CYS C 44 21.21 1.61 -5.09
N VAL C 45 21.83 0.44 -5.17
CA VAL C 45 23.22 0.26 -4.76
C VAL C 45 23.80 -0.91 -5.52
N ILE C 46 25.08 -0.82 -5.87
CA ILE C 46 25.82 -1.96 -6.42
C ILE C 46 26.63 -2.58 -5.29
N VAL C 47 26.49 -3.90 -5.12
CA VAL C 47 27.10 -4.64 -4.01
C VAL C 47 28.13 -5.59 -4.60
N GLU C 48 29.40 -5.28 -4.37
CA GLU C 48 30.50 -5.98 -5.03
C GLU C 48 30.90 -7.23 -4.26
N GLN C 49 31.15 -8.32 -4.99
CA GLN C 49 31.57 -9.58 -4.41
C GLN C 49 30.55 -10.07 -3.38
N VAL C 50 29.28 -10.02 -3.77
CA VAL C 50 28.22 -10.47 -2.87
C VAL C 50 28.08 -11.99 -2.86
N ILE C 51 28.54 -12.68 -3.90
CA ILE C 51 28.32 -14.12 -4.02
C ILE C 51 29.46 -14.72 -4.82
N CYS C 52 29.75 -16.00 -4.56
CA CYS C 52 30.87 -16.68 -5.22
C CYS C 52 30.61 -16.81 -6.72
N PRO C 53 31.50 -16.31 -7.57
CA PRO C 53 31.31 -16.43 -9.02
C PRO C 53 31.10 -17.86 -9.47
N ASN C 54 31.62 -18.82 -8.71
CA ASN C 54 31.38 -20.22 -9.01
C ASN C 54 29.89 -20.55 -8.99
N ILE C 55 29.16 -19.94 -8.07
CA ILE C 55 27.72 -20.20 -7.99
C ILE C 55 27.00 -19.60 -9.20
N ILE C 56 27.26 -18.33 -9.49
CA ILE C 56 26.67 -17.69 -10.68
C ILE C 56 27.04 -18.48 -11.93
N ALA C 57 28.32 -18.84 -12.07
CA ALA C 57 28.75 -19.64 -13.22
C ALA C 57 27.97 -20.94 -13.32
N LYS C 58 27.73 -21.60 -12.19
CA LYS C 58 27.01 -22.87 -12.22
C LYS C 58 25.54 -22.68 -12.62
N ILE C 59 24.87 -21.71 -12.00
CA ILE C 59 23.51 -21.36 -12.41
C ILE C 59 23.48 -21.03 -13.89
N SER C 60 24.43 -20.21 -14.33
CA SER C 60 24.54 -19.85 -15.73
C SER C 60 24.65 -21.09 -16.62
N ASP C 61 25.45 -22.06 -16.19
CA ASP C 61 25.56 -23.30 -16.96
C ASP C 61 24.24 -24.06 -16.99
N ASP C 62 23.59 -24.19 -15.82
CA ASP C 62 22.26 -24.79 -15.78
C ASP C 62 21.30 -24.09 -16.73
N VAL C 63 21.41 -22.76 -16.85
CA VAL C 63 20.48 -22.01 -17.68
C VAL C 63 20.76 -22.25 -19.15
N ASN C 64 22.04 -22.21 -19.56
CA ASN C 64 22.35 -22.32 -20.98
C ASN C 64 21.89 -23.64 -21.57
N ARG C 65 21.94 -24.72 -20.78
CA ARG C 65 21.44 -26.01 -21.25
C ARG C 65 19.99 -25.93 -21.70
N VAL C 66 19.22 -25.01 -21.12
CA VAL C 66 17.84 -24.79 -21.51
C VAL C 66 17.76 -23.77 -22.65
N MET C 85 10.31 -13.57 -26.18
CA MET C 85 11.28 -12.53 -26.52
C MET C 85 10.63 -11.23 -26.99
N HIS C 86 11.09 -10.12 -26.44
CA HIS C 86 10.61 -8.80 -26.84
C HIS C 86 11.75 -7.80 -26.71
N ASN C 87 11.77 -6.84 -27.63
CA ASN C 87 12.85 -5.85 -27.72
C ASN C 87 14.22 -6.51 -27.65
N ARG C 88 14.38 -7.57 -28.45
CA ARG C 88 15.63 -8.33 -28.53
C ARG C 88 16.13 -8.72 -27.13
N THR C 89 15.19 -9.09 -26.26
CA THR C 89 15.51 -9.45 -24.88
C THR C 89 14.72 -10.69 -24.50
N ILE C 90 15.44 -11.75 -24.15
CA ILE C 90 14.83 -13.00 -23.70
C ILE C 90 14.62 -12.95 -22.19
N HIS C 91 13.38 -13.16 -21.75
CA HIS C 91 13.04 -13.31 -20.34
C HIS C 91 12.78 -14.80 -20.10
N MET C 92 13.49 -15.41 -19.16
CA MET C 92 13.25 -16.81 -18.85
C MET C 92 13.13 -17.02 -17.34
N GLY C 93 12.00 -17.59 -16.91
CA GLY C 93 11.76 -17.98 -15.53
C GLY C 93 11.79 -19.48 -15.31
N ASP C 94 10.92 -19.98 -14.43
CA ASP C 94 10.92 -21.39 -14.02
C ASP C 94 12.31 -21.82 -13.60
N LEU C 95 12.97 -20.95 -12.84
CA LEU C 95 14.35 -21.19 -12.45
C LEU C 95 14.47 -22.25 -11.37
N VAL C 96 13.41 -22.48 -10.59
CA VAL C 96 13.45 -23.50 -9.54
C VAL C 96 13.69 -24.87 -10.15
N LEU C 97 12.97 -25.18 -11.23
CA LEU C 97 13.17 -26.44 -11.92
C LEU C 97 14.47 -26.48 -12.70
N THR C 98 15.06 -25.34 -12.99
CA THR C 98 16.19 -25.28 -13.92
C THR C 98 17.53 -25.49 -13.23
N SER C 99 17.69 -25.04 -11.99
CA SER C 99 19.01 -25.01 -11.39
C SER C 99 18.91 -25.31 -9.90
N LYS C 100 19.49 -26.46 -9.50
CA LYS C 100 19.57 -26.79 -8.08
C LYS C 100 20.33 -25.71 -7.33
N THR C 101 21.37 -25.16 -7.95
CA THR C 101 22.17 -24.10 -7.34
C THR C 101 21.32 -22.86 -7.09
N TYR C 102 20.41 -22.56 -8.00
CA TYR C 102 19.45 -21.48 -7.77
C TYR C 102 18.57 -21.79 -6.56
N ARG C 103 17.98 -23.00 -6.51
CA ARG C 103 17.13 -23.38 -5.37
C ARG C 103 17.88 -23.38 -4.05
N ASP C 104 19.17 -23.74 -4.07
CA ASP C 104 19.88 -23.93 -2.81
C ASP C 104 20.67 -22.70 -2.40
N GLU C 105 21.73 -22.37 -3.15
CA GLU C 105 22.64 -21.29 -2.76
C GLU C 105 22.03 -19.91 -2.96
N LEU C 106 21.51 -19.62 -4.16
CA LEU C 106 21.07 -18.26 -4.48
C LEU C 106 19.83 -17.86 -3.69
N LEU C 107 18.78 -18.69 -3.71
CA LEU C 107 17.59 -18.35 -2.94
C LEU C 107 17.84 -18.25 -1.43
N ASN C 108 19.03 -18.65 -0.96
CA ASN C 108 19.33 -18.64 0.46
C ASN C 108 20.40 -17.62 0.85
N LEU C 109 20.91 -16.84 -0.11
CA LEU C 109 22.07 -15.97 0.07
C LEU C 109 21.87 -15.01 1.23
N PRO C 110 22.58 -15.23 2.36
CA PRO C 110 22.30 -14.46 3.58
C PRO C 110 22.30 -12.96 3.41
N PHE C 111 23.29 -12.40 2.69
CA PHE C 111 23.36 -10.95 2.52
C PHE C 111 22.06 -10.40 1.92
N ALA C 112 21.47 -11.12 0.98
CA ALA C 112 20.26 -10.65 0.32
C ALA C 112 19.09 -10.58 1.29
N HIS C 113 18.89 -11.65 2.08
CA HIS C 113 17.77 -11.66 3.01
C HIS C 113 17.93 -10.60 4.11
N GLU C 114 19.16 -10.32 4.52
CA GLU C 114 19.39 -9.22 5.46
C GLU C 114 18.89 -7.90 4.89
N VAL C 115 19.26 -7.60 3.64
CA VAL C 115 18.76 -6.36 3.02
C VAL C 115 17.25 -6.42 2.89
N LEU C 116 16.71 -7.56 2.46
CA LEU C 116 15.26 -7.65 2.25
C LEU C 116 14.51 -7.43 3.56
N GLU C 117 14.98 -8.04 4.65
CA GLU C 117 14.38 -7.83 5.96
C GLU C 117 14.37 -6.35 6.33
N LYS C 118 15.51 -5.68 6.13
CA LYS C 118 15.60 -4.25 6.44
C LYS C 118 14.59 -3.45 5.65
N VAL C 119 14.28 -3.87 4.43
CA VAL C 119 13.34 -3.12 3.59
C VAL C 119 11.91 -3.39 4.06
N PHE C 120 11.55 -4.65 4.24
CA PHE C 120 10.14 -5.03 4.29
C PHE C 120 9.61 -5.21 5.70
N LYS C 121 10.42 -5.67 6.65
CA LYS C 121 9.89 -6.21 7.90
C LYS C 121 9.05 -5.19 8.66
N LYS C 122 9.59 -3.99 8.87
CA LYS C 122 8.88 -3.00 9.68
C LYS C 122 7.61 -2.51 8.98
N ASP C 123 7.70 -2.09 7.72
CA ASP C 123 6.54 -1.51 7.04
C ASP C 123 5.55 -2.58 6.59
N SER C 124 6.01 -3.81 6.30
CA SER C 124 5.18 -4.74 5.54
C SER C 124 5.08 -6.14 6.12
N GLY C 125 6.17 -6.63 6.72
CA GLY C 125 6.19 -7.98 7.26
C GLY C 125 7.03 -8.95 6.45
N ASP C 126 6.53 -10.17 6.27
CA ASP C 126 7.25 -11.16 5.48
C ASP C 126 7.25 -10.76 4.00
N TYR C 127 8.19 -11.34 3.25
CA TYR C 127 8.34 -11.08 1.83
C TYR C 127 8.50 -12.40 1.09
N TRP C 128 8.27 -12.36 -0.22
CA TRP C 128 8.56 -13.50 -1.07
C TRP C 128 8.83 -12.99 -2.49
N LEU C 129 8.99 -13.92 -3.44
CA LEU C 129 9.39 -13.56 -4.79
C LEU C 129 8.20 -13.14 -5.64
N ASN C 130 8.35 -12.00 -6.32
CA ASN C 130 7.46 -11.67 -7.44
C ASN C 130 7.72 -12.62 -8.60
N ALA C 131 8.99 -12.88 -8.88
CA ALA C 131 9.47 -13.69 -10.00
C ALA C 131 10.99 -13.77 -9.93
N GLY C 132 11.56 -14.87 -10.41
CA GLY C 132 12.99 -14.94 -10.67
C GLY C 132 13.20 -15.19 -12.15
N VAL C 133 13.97 -14.34 -12.84
CA VAL C 133 14.00 -14.34 -14.30
C VAL C 133 15.41 -14.11 -14.81
N ILE C 134 15.82 -14.91 -15.80
CA ILE C 134 17.03 -14.62 -16.56
C ILE C 134 16.69 -13.54 -17.59
N LEU C 135 17.40 -12.44 -17.54
CA LEU C 135 17.24 -11.38 -18.54
C LEU C 135 18.42 -11.48 -19.52
N ASN C 136 18.16 -12.09 -20.67
CA ASN C 136 19.14 -12.24 -21.74
C ASN C 136 18.90 -11.12 -22.74
N MET C 137 19.75 -10.12 -22.75
CA MET C 137 19.53 -8.93 -23.57
C MET C 137 20.46 -9.03 -24.79
N LEU C 138 19.87 -9.34 -25.94
CA LEU C 138 20.62 -9.60 -27.16
C LEU C 138 21.10 -8.29 -27.76
N PRO C 139 22.16 -8.35 -28.58
CA PRO C 139 22.57 -7.14 -29.32
C PRO C 139 21.42 -6.58 -30.12
N GLY C 140 21.32 -5.25 -30.12
CA GLY C 140 20.25 -4.55 -30.80
C GLY C 140 19.08 -4.21 -29.92
N ALA C 141 19.02 -4.76 -28.71
CA ALA C 141 17.98 -4.37 -27.79
C ALA C 141 18.07 -2.88 -27.52
N GLU C 142 16.93 -2.21 -27.57
CA GLU C 142 16.84 -0.79 -27.34
C GLU C 142 16.62 -0.53 -25.85
N ALA C 143 17.07 0.64 -25.40
CA ALA C 143 16.88 1.04 -24.01
C ALA C 143 15.41 1.19 -23.69
N GLN C 144 15.04 0.83 -22.46
CA GLN C 144 13.66 0.97 -22.03
C GLN C 144 13.37 2.40 -21.61
N ARG C 145 12.12 2.80 -21.76
CA ARG C 145 11.63 4.00 -21.13
C ARG C 145 11.85 3.91 -19.62
N PRO C 146 12.61 4.82 -19.00
CA PRO C 146 12.83 4.76 -17.54
C PRO C 146 11.52 4.85 -16.76
N HIS C 147 11.40 4.02 -15.72
CA HIS C 147 10.14 3.79 -15.05
C HIS C 147 10.39 3.37 -13.60
N ARG C 148 9.30 3.28 -12.84
CA ARG C 148 9.30 2.67 -11.51
C ARG C 148 8.63 1.31 -11.62
N ASP C 149 9.32 0.27 -11.12
CA ASP C 149 8.75 -1.08 -11.15
C ASP C 149 7.43 -1.18 -10.38
N ASP C 150 7.22 -0.34 -9.36
CA ASP C 150 6.01 -0.55 -8.54
C ASP C 150 4.72 -0.13 -9.22
N TYR C 151 4.78 0.43 -10.43
CA TYR C 151 3.57 0.72 -11.17
C TYR C 151 2.77 -0.55 -11.46
N LEU C 152 3.42 -1.72 -11.42
CA LEU C 152 2.72 -2.99 -11.60
C LEU C 152 1.57 -3.14 -10.59
N TYR C 153 1.78 -2.72 -9.34
CA TYR C 153 0.75 -2.81 -8.31
C TYR C 153 0.03 -1.47 -8.16
N PRO C 154 -1.25 -1.39 -8.56
CA PRO C 154 -1.90 -0.08 -8.73
C PRO C 154 -1.95 0.79 -7.47
N VAL C 155 -1.82 0.19 -6.28
CA VAL C 155 -1.93 0.98 -5.07
C VAL C 155 -0.74 1.92 -4.90
N SER C 156 0.40 1.65 -5.56
CA SER C 156 1.54 2.55 -5.44
C SER C 156 1.18 3.96 -5.89
N GLN C 157 0.24 4.09 -6.84
CA GLN C 157 -0.18 5.39 -7.35
C GLN C 157 -1.09 6.13 -6.38
N HIS C 158 -1.47 5.48 -5.28
CA HIS C 158 -2.37 6.06 -4.28
C HIS C 158 -1.66 6.26 -2.96
N MET C 159 -0.34 6.19 -2.93
CA MET C 159 0.42 6.41 -1.72
C MET C 159 1.57 7.35 -2.04
N ASP C 160 1.94 8.16 -1.06
CA ASP C 160 3.03 9.10 -1.20
C ASP C 160 4.34 8.34 -1.25
N PRO C 161 5.06 8.36 -2.37
CA PRO C 161 6.36 7.64 -2.43
C PRO C 161 7.33 8.07 -1.34
N ALA C 162 7.26 9.32 -0.89
CA ALA C 162 8.18 9.75 0.16
C ALA C 162 7.98 8.97 1.47
N THR C 163 6.79 8.43 1.72
CA THR C 163 6.53 7.71 2.98
C THR C 163 5.96 6.32 2.80
N SER C 164 5.62 5.89 1.58
CA SER C 164 4.94 4.62 1.44
C SER C 164 5.88 3.44 1.68
N PRO C 165 5.33 2.28 2.02
CA PRO C 165 6.18 1.08 2.08
C PRO C 165 6.76 0.78 0.72
N ASP C 166 7.92 0.13 0.72
CA ASP C 166 8.47 -0.33 -0.54
C ASP C 166 7.70 -1.57 -0.98
N LEU C 167 7.19 -1.55 -2.21
CA LEU C 167 6.41 -2.69 -2.69
C LEU C 167 7.25 -3.72 -3.41
N MET C 168 8.50 -3.41 -3.75
CA MET C 168 9.31 -4.29 -4.58
C MET C 168 10.78 -4.03 -4.32
N ILE C 169 11.57 -5.09 -4.33
CA ILE C 169 13.02 -5.00 -4.42
C ILE C 169 13.47 -5.88 -5.58
N ASN C 170 14.37 -5.35 -6.40
CA ASN C 170 14.98 -6.09 -7.49
C ASN C 170 16.46 -6.25 -7.18
N ILE C 171 16.94 -7.50 -7.26
CA ILE C 171 18.36 -7.84 -7.12
C ILE C 171 18.78 -8.54 -8.41
N THR C 172 19.70 -7.92 -9.15
CA THR C 172 20.14 -8.41 -10.45
C THR C 172 21.61 -8.80 -10.37
N PHE C 173 21.88 -10.09 -10.59
CA PHE C 173 23.23 -10.63 -10.61
C PHE C 173 23.68 -10.73 -12.05
N PRO C 174 24.75 -10.04 -12.46
CA PRO C 174 25.32 -10.28 -13.80
C PRO C 174 25.77 -11.73 -13.94
N LEU C 175 25.37 -12.36 -15.04
CA LEU C 175 25.99 -13.63 -15.41
C LEU C 175 27.15 -13.41 -16.38
N ASN C 176 27.25 -12.22 -16.96
CA ASN C 176 28.49 -11.72 -17.55
C ASN C 176 28.56 -10.23 -17.30
N GLU C 177 29.64 -9.59 -17.75
CA GLU C 177 29.93 -8.23 -17.33
C GLU C 177 28.85 -7.25 -17.83
N PHE C 178 28.40 -6.37 -16.93
CA PHE C 178 27.49 -5.28 -17.27
C PHE C 178 28.32 -4.03 -17.50
N ARG C 179 28.16 -3.42 -18.68
CA ARG C 179 28.77 -2.15 -19.03
C ARG C 179 27.69 -1.24 -19.60
N HIS C 180 28.01 0.05 -19.75
CA HIS C 180 27.08 0.94 -20.43
C HIS C 180 26.80 0.44 -21.85
N ASP C 181 27.85 0.08 -22.59
CA ASP C 181 27.73 -0.21 -24.01
C ASP C 181 26.98 -1.49 -24.32
N ASN C 182 26.74 -2.37 -23.34
CA ASN C 182 26.04 -3.61 -23.62
C ASN C 182 24.67 -3.69 -22.92
N GLY C 183 24.16 -2.57 -22.44
CA GLY C 183 22.80 -2.54 -21.96
C GLY C 183 22.64 -2.62 -20.46
N GLY C 184 23.74 -2.58 -19.71
CA GLY C 184 23.70 -2.47 -18.27
C GLY C 184 22.62 -1.54 -17.79
N THR C 185 21.92 -1.97 -16.75
CA THR C 185 20.71 -1.30 -16.28
C THR C 185 20.96 0.17 -15.97
N LEU C 186 20.21 1.03 -16.64
CA LEU C 186 20.28 2.47 -16.39
C LEU C 186 19.51 2.82 -15.12
N LEU C 187 20.04 3.74 -14.33
CA LEU C 187 19.42 4.09 -13.06
C LEU C 187 19.47 5.58 -12.85
N LEU C 188 18.48 6.08 -12.12
CA LEU C 188 18.52 7.46 -11.62
C LEU C 188 18.69 7.40 -10.12
N PRO C 189 19.91 7.58 -9.60
CA PRO C 189 20.10 7.58 -8.15
C PRO C 189 19.36 8.75 -7.51
N LYS C 190 18.80 8.49 -6.32
CA LYS C 190 18.08 9.47 -5.51
C LYS C 190 16.74 9.89 -6.12
N SER C 191 16.21 9.10 -7.05
CA SER C 191 14.91 9.36 -7.64
C SER C 191 13.77 8.62 -6.96
N HIS C 192 14.02 7.96 -5.84
CA HIS C 192 13.06 7.02 -5.27
C HIS C 192 12.11 7.65 -4.26
N THR C 193 12.09 8.97 -4.14
CA THR C 193 11.20 9.63 -3.18
C THR C 193 10.29 10.69 -3.78
N GLY C 194 10.55 11.18 -5.00
CA GLY C 194 9.70 12.17 -5.59
C GLY C 194 8.34 11.59 -5.97
N PRO C 195 7.47 12.44 -6.50
CA PRO C 195 6.12 11.99 -6.86
C PRO C 195 6.12 11.02 -8.03
N ASN C 196 5.14 10.11 -8.03
CA ASN C 196 4.89 9.26 -9.19
C ASN C 196 4.61 10.12 -10.42
N ALA C 197 5.16 9.70 -11.55
CA ALA C 197 5.06 10.49 -12.77
C ALA C 197 4.96 9.58 -13.98
N ASP C 198 4.44 10.13 -15.07
CA ASP C 198 4.37 9.43 -16.34
C ASP C 198 5.66 9.57 -17.14
N PHE C 199 6.55 10.46 -16.72
CA PHE C 199 7.84 10.65 -17.35
C PHE C 199 8.87 11.00 -16.30
N TYR C 200 10.01 10.30 -16.31
CA TYR C 200 11.07 10.54 -15.34
C TYR C 200 12.36 11.06 -15.96
N ALA C 201 12.80 10.48 -17.06
CA ALA C 201 14.09 10.85 -17.66
C ALA C 201 14.20 10.18 -19.01
N ASN C 202 15.16 10.67 -19.80
CA ASN C 202 15.56 10.02 -21.05
C ASN C 202 16.65 9.00 -20.74
N ALA C 203 16.52 7.82 -21.34
CA ALA C 203 17.47 6.76 -21.08
C ALA C 203 18.89 7.23 -21.36
N GLU C 204 19.07 8.02 -22.43
CA GLU C 204 20.38 8.48 -22.87
C GLU C 204 21.07 9.39 -21.87
N ASP C 205 20.37 9.89 -20.85
CA ASP C 205 20.99 10.74 -19.84
C ASP C 205 21.36 9.97 -18.58
N LEU C 206 21.03 8.69 -18.48
CA LEU C 206 21.16 7.94 -17.24
C LEU C 206 22.48 7.16 -17.20
N PRO C 207 23.09 7.08 -16.02
CA PRO C 207 24.29 6.25 -15.87
C PRO C 207 23.92 4.77 -15.87
N ALA C 208 24.88 3.94 -16.27
CA ALA C 208 24.66 2.50 -16.34
C ALA C 208 25.30 1.80 -15.15
N ALA C 209 24.61 0.79 -14.62
CA ALA C 209 25.20 -0.09 -13.61
C ALA C 209 26.27 -0.96 -14.26
N GLU C 210 27.52 -0.77 -13.86
CA GLU C 210 28.63 -1.50 -14.44
C GLU C 210 29.26 -2.35 -13.36
N MET C 211 29.35 -3.66 -13.61
CA MET C 211 29.54 -4.59 -12.50
C MET C 211 29.81 -5.98 -13.06
N GLN C 212 30.33 -6.85 -12.19
CA GLN C 212 30.92 -8.14 -12.58
C GLN C 212 30.17 -9.31 -11.97
N VAL C 213 30.33 -10.47 -12.61
CA VAL C 213 29.93 -11.73 -12.00
C VAL C 213 30.46 -11.78 -10.57
N GLY C 214 29.60 -12.21 -9.65
CA GLY C 214 29.89 -12.11 -8.26
C GLY C 214 29.33 -10.87 -7.59
N ASP C 215 29.00 -9.83 -8.38
CA ASP C 215 28.35 -8.64 -7.87
C ASP C 215 26.84 -8.76 -7.98
N ALA C 216 26.14 -7.79 -7.39
CA ALA C 216 24.71 -7.65 -7.60
C ALA C 216 24.31 -6.18 -7.53
N LEU C 217 23.38 -5.79 -8.39
CA LEU C 217 22.70 -4.52 -8.28
C LEU C 217 21.41 -4.69 -7.49
N ILE C 218 21.16 -3.77 -6.56
CA ILE C 218 19.90 -3.76 -5.81
C ILE C 218 19.25 -2.40 -6.01
N PHE C 219 17.96 -2.41 -6.39
CA PHE C 219 17.19 -1.18 -6.50
C PHE C 219 15.74 -1.47 -6.13
N THR C 220 15.04 -0.41 -5.69
CA THR C 220 13.69 -0.53 -5.18
C THR C 220 12.65 -0.29 -6.27
N GLY C 221 11.41 -0.64 -5.94
CA GLY C 221 10.28 -0.39 -6.82
C GLY C 221 10.04 1.08 -7.13
N LYS C 222 10.64 1.99 -6.36
CA LYS C 222 10.51 3.41 -6.64
C LYS C 222 11.73 3.99 -7.34
N CYS C 223 12.78 3.21 -7.54
CA CYS C 223 13.96 3.72 -8.22
C CYS C 223 13.70 3.77 -9.72
N VAL C 224 13.77 4.99 -10.28
CA VAL C 224 13.68 5.14 -11.74
C VAL C 224 14.85 4.42 -12.41
N HIS C 225 14.55 3.65 -13.44
CA HIS C 225 15.54 2.76 -14.04
C HIS C 225 14.96 2.28 -15.36
N GLY C 226 15.82 1.66 -16.17
CA GLY C 226 15.36 0.89 -17.30
C GLY C 226 16.47 0.06 -17.90
N GLY C 227 16.13 -0.98 -18.66
CA GLY C 227 17.11 -1.70 -19.42
C GLY C 227 17.86 -0.77 -20.36
N GLY C 228 19.17 -1.00 -20.52
CA GLY C 228 19.96 -0.22 -21.43
C GLY C 228 19.96 -0.78 -22.84
N ALA C 229 20.56 -0.05 -23.76
CA ALA C 229 20.71 -0.53 -25.14
C ALA C 229 21.95 -1.40 -25.24
N ASN C 230 21.78 -2.63 -25.74
CA ASN C 230 22.93 -3.49 -26.02
C ASN C 230 23.45 -3.13 -27.40
N ARG C 231 24.45 -2.26 -27.46
CA ARG C 231 25.12 -1.87 -28.71
C ARG C 231 26.30 -2.77 -29.04
N SER C 232 26.53 -3.82 -28.29
CA SER C 232 27.71 -4.67 -28.46
C SER C 232 27.36 -5.88 -29.32
N ASP C 233 28.29 -6.83 -29.40
CA ASP C 233 28.15 -8.00 -30.24
C ASP C 233 27.87 -9.29 -29.48
N LYS C 234 27.74 -9.24 -28.15
CA LYS C 234 27.38 -10.42 -27.38
C LYS C 234 26.24 -10.12 -26.41
N PRO C 235 25.43 -11.13 -26.08
CA PRO C 235 24.36 -10.94 -25.08
C PRO C 235 24.88 -10.40 -23.76
N ARG C 236 24.02 -9.64 -23.08
CA ARG C 236 24.25 -9.19 -21.71
C ARG C 236 23.21 -9.90 -20.83
N ILE C 237 23.66 -10.76 -19.94
CA ILE C 237 22.79 -11.69 -19.22
C ILE C 237 22.87 -11.42 -17.73
N GLY C 238 21.71 -11.21 -17.11
CA GLY C 238 21.64 -11.11 -15.66
C GLY C 238 20.52 -11.99 -15.15
N LEU C 239 20.65 -12.37 -13.88
CA LEU C 239 19.57 -13.01 -13.14
C LEU C 239 18.92 -11.95 -12.28
N ALA C 240 17.62 -11.71 -12.49
CA ALA C 240 16.92 -10.67 -11.77
C ALA C 240 15.92 -11.34 -10.84
N LEU C 241 16.16 -11.23 -9.53
CA LEU C 241 15.19 -11.62 -8.53
C LEU C 241 14.36 -10.39 -8.17
N ALA C 242 13.04 -10.55 -8.14
CA ALA C 242 12.13 -9.51 -7.69
C ALA C 242 11.44 -9.99 -6.41
N ALA C 243 11.62 -9.24 -5.32
CA ALA C 243 10.98 -9.54 -4.05
C ALA C 243 9.99 -8.43 -3.70
N GLN C 244 9.00 -8.81 -2.89
CA GLN C 244 7.88 -7.93 -2.58
C GLN C 244 7.24 -8.43 -1.28
N PRO C 245 6.49 -7.57 -0.60
CA PRO C 245 5.73 -8.02 0.57
C PRO C 245 4.85 -9.22 0.26
N GLY C 246 4.72 -10.10 1.27
CA GLY C 246 3.88 -11.27 1.15
C GLY C 246 2.43 -10.98 0.82
N TYR C 247 1.92 -9.82 1.22
CA TYR C 247 0.52 -9.52 0.91
C TYR C 247 0.30 -9.13 -0.55
N LEU C 248 1.32 -9.25 -1.42
CA LEU C 248 1.20 -8.93 -2.83
C LEU C 248 1.30 -10.22 -3.64
N THR C 249 0.34 -10.44 -4.51
CA THR C 249 0.31 -11.65 -5.31
C THR C 249 1.56 -11.76 -6.19
N PRO C 250 2.27 -12.87 -6.15
CA PRO C 250 3.42 -13.05 -7.05
C PRO C 250 2.99 -13.13 -8.52
N ARG C 251 3.82 -12.57 -9.39
CA ARG C 251 3.61 -12.74 -10.83
C ARG C 251 3.83 -14.18 -11.24
N GLU C 252 4.91 -14.80 -10.77
CA GLU C 252 5.29 -16.14 -11.17
C GLU C 252 4.86 -17.15 -10.10
N SER C 253 3.86 -17.95 -10.42
CA SER C 253 3.43 -19.01 -9.52
C SER C 253 4.36 -20.21 -9.63
N ASN C 254 4.54 -20.92 -8.51
CA ASN C 254 5.38 -22.09 -8.47
C ASN C 254 4.62 -23.34 -8.04
N VAL C 255 3.28 -23.32 -8.04
CA VAL C 255 2.50 -24.49 -7.62
C VAL C 255 2.74 -25.70 -8.51
N ASN C 256 3.45 -25.52 -9.61
CA ASN C 256 3.73 -26.57 -10.59
C ASN C 256 5.02 -27.34 -10.31
N VAL C 257 5.87 -26.87 -9.40
CA VAL C 257 7.09 -27.60 -9.06
C VAL C 257 6.70 -28.89 -8.33
N PRO C 258 7.33 -30.03 -8.62
CA PRO C 258 7.02 -31.24 -7.85
C PRO C 258 7.37 -31.06 -6.38
N ARG C 259 6.46 -31.51 -5.52
CA ARG C 259 6.66 -31.36 -4.08
C ARG C 259 7.94 -32.07 -3.62
N ASP C 260 8.32 -33.17 -4.29
CA ASP C 260 9.63 -33.78 -4.07
C ASP C 260 10.73 -32.73 -4.11
N ILE C 261 10.76 -31.96 -5.21
CA ILE C 261 11.81 -30.96 -5.40
C ILE C 261 11.69 -29.85 -4.37
N VAL C 262 10.47 -29.39 -4.09
CA VAL C 262 10.30 -28.35 -3.09
C VAL C 262 10.81 -28.82 -1.74
N GLU C 263 10.64 -30.10 -1.41
CA GLU C 263 10.96 -30.60 -0.08
C GLU C 263 12.47 -30.73 0.19
N THR C 264 13.33 -30.54 -0.83
CA THR C 264 14.76 -30.43 -0.59
C THR C 264 15.22 -29.01 -0.28
N MET C 265 14.32 -28.02 -0.30
CA MET C 265 14.71 -26.62 -0.13
C MET C 265 14.56 -26.20 1.32
N THR C 266 15.24 -25.12 1.69
CA THR C 266 15.12 -24.59 3.04
C THR C 266 13.73 -23.97 3.24
N PRO C 267 13.25 -23.88 4.49
CA PRO C 267 11.96 -23.23 4.73
C PRO C 267 11.90 -21.81 4.17
N LEU C 268 12.96 -21.04 4.36
CA LEU C 268 13.04 -19.70 3.77
C LEU C 268 12.92 -19.76 2.25
N ALA C 269 13.59 -20.70 1.60
CA ALA C 269 13.51 -20.76 0.14
C ALA C 269 12.12 -21.18 -0.32
N GLN C 270 11.51 -22.13 0.40
CA GLN C 270 10.14 -22.55 0.06
C GLN C 270 9.17 -21.37 0.16
N ARG C 271 9.33 -20.55 1.19
CA ARG C 271 8.47 -19.37 1.30
C ARG C 271 8.70 -18.42 0.14
N MET C 272 9.96 -18.21 -0.25
CA MET C 272 10.26 -17.33 -1.38
C MET C 272 9.49 -17.72 -2.63
N ILE C 273 9.33 -19.02 -2.87
CA ILE C 273 8.72 -19.48 -4.12
C ILE C 273 7.24 -19.74 -3.90
N GLY C 274 6.71 -19.23 -2.78
CA GLY C 274 5.28 -19.29 -2.55
C GLY C 274 4.81 -20.50 -1.78
N TRP C 275 5.70 -21.43 -1.44
CA TRP C 275 5.31 -22.64 -0.73
C TRP C 275 5.43 -22.45 0.78
N GLY C 276 4.86 -21.37 1.28
CA GLY C 276 4.85 -21.12 2.71
C GLY C 276 3.91 -19.97 3.04
N THR C 277 3.58 -19.90 4.32
CA THR C 277 2.75 -18.84 4.85
C THR C 277 3.59 -17.57 5.03
N VAL C 278 3.00 -16.42 4.69
CA VAL C 278 3.65 -15.13 4.85
C VAL C 278 2.81 -14.30 5.82
N ARG C 279 3.46 -13.73 6.83
CA ARG C 279 2.79 -12.94 7.84
C ARG C 279 3.02 -11.46 7.58
N THR C 280 1.98 -10.65 7.80
CA THR C 280 2.15 -9.22 7.67
C THR C 280 2.78 -8.66 8.95
N LYS C 281 3.09 -7.34 8.89
CA LYS C 281 3.74 -6.67 10.01
C LYS C 281 2.86 -6.67 11.26
N ASP C 282 1.58 -6.96 11.12
CA ASP C 282 0.67 -7.15 12.24
C ASP C 282 0.56 -8.61 12.62
N THR C 283 1.44 -9.45 12.08
CA THR C 283 1.42 -10.92 12.20
C THR C 283 0.14 -11.55 11.68
N TYR C 284 -0.62 -10.85 10.84
CA TYR C 284 -1.72 -11.48 10.12
C TYR C 284 -1.15 -12.46 9.10
N GLY C 285 -1.57 -13.73 9.19
CA GLY C 285 -1.06 -14.75 8.29
C GLY C 285 -1.79 -14.78 6.97
N LEU C 286 -1.02 -14.76 5.89
CA LEU C 286 -1.55 -14.90 4.53
C LEU C 286 -1.01 -16.18 3.91
N ASN C 287 -1.68 -16.65 2.86
CA ASN C 287 -1.34 -17.93 2.23
C ASN C 287 -1.37 -19.05 3.27
N MET C 288 -2.47 -19.14 4.00
CA MET C 288 -2.69 -20.18 5.00
C MET C 288 -3.50 -21.31 4.37
N LEU C 289 -3.29 -22.54 4.84
CA LEU C 289 -4.06 -23.70 4.41
C LEU C 289 -4.78 -24.29 5.61
N GLN C 290 -6.08 -24.59 5.44
CA GLN C 290 -6.87 -25.24 6.50
C GLN C 290 -6.76 -24.47 7.80
N ASP C 291 -6.71 -23.14 7.70
CA ASP C 291 -6.60 -22.23 8.83
C ASP C 291 -5.33 -22.47 9.66
N LYS C 292 -4.29 -23.07 9.08
CA LYS C 292 -3.03 -23.23 9.79
C LYS C 292 -1.87 -22.85 8.88
N ASP C 293 -0.68 -22.71 9.47
CA ASP C 293 0.53 -22.39 8.70
C ASP C 293 0.73 -23.38 7.57
N PHE C 294 1.15 -22.85 6.41
CA PHE C 294 1.16 -23.61 5.17
C PHE C 294 1.93 -24.92 5.29
N HIS C 295 3.07 -24.89 5.99
CA HIS C 295 3.88 -26.10 6.12
C HIS C 295 3.19 -27.17 6.95
N GLU C 296 2.47 -26.76 7.99
CA GLU C 296 1.85 -27.77 8.86
C GLU C 296 0.68 -28.47 8.17
N ALA C 297 -0.14 -27.69 7.45
CA ALA C 297 -1.29 -28.28 6.75
C ALA C 297 -0.87 -29.36 5.77
N LEU C 298 0.25 -29.14 5.08
CA LEU C 298 0.77 -30.09 4.11
C LEU C 298 1.63 -31.19 4.73
N GLY C 299 2.17 -30.95 5.92
CA GLY C 299 3.26 -31.80 6.38
C GLY C 299 4.47 -31.67 5.48
N LEU C 300 4.74 -30.45 5.02
CA LEU C 300 5.81 -30.22 4.04
C LEU C 300 7.16 -30.32 4.74
N LYS C 301 7.99 -31.25 4.29
CA LYS C 301 9.34 -31.33 4.80
C LYS C 301 10.23 -30.28 4.14
N SER C 302 11.31 -29.92 4.84
CA SER C 302 12.34 -29.07 4.27
C SER C 302 13.70 -29.66 4.62
N LYS C 303 14.77 -29.00 4.19
CA LYS C 303 16.13 -29.42 4.52
C LYS C 303 16.69 -28.56 5.66
N MET D 20 15.77 -23.80 18.41
CA MET D 20 14.90 -23.45 19.52
C MET D 20 13.51 -23.07 18.99
N PRO D 21 12.48 -23.17 19.83
CA PRO D 21 11.14 -22.73 19.43
C PRO D 21 11.09 -21.22 19.25
N PRO D 22 10.13 -20.71 18.49
CA PRO D 22 10.10 -19.28 18.18
C PRO D 22 9.38 -18.47 19.26
N ILE D 23 9.76 -17.19 19.32
CA ILE D 23 9.12 -16.22 20.20
C ILE D 23 7.74 -15.88 19.62
N ARG D 24 6.68 -16.42 20.21
CA ARG D 24 5.35 -16.24 19.66
C ARG D 24 4.78 -14.87 20.01
N ARG D 25 3.93 -14.36 19.10
CA ARG D 25 3.37 -13.02 19.20
C ARG D 25 1.86 -13.07 19.24
N VAL D 26 1.28 -12.02 19.80
CA VAL D 26 -0.15 -11.85 19.91
C VAL D 26 -0.43 -10.35 19.86
N ASN D 27 -1.60 -10.00 19.37
CA ASN D 27 -2.01 -8.60 19.37
C ASN D 27 -2.83 -8.33 20.63
N ALA D 28 -2.69 -7.12 21.18
CA ALA D 28 -3.43 -6.75 22.39
C ALA D 28 -4.93 -6.83 22.17
N SER D 29 -5.40 -6.71 20.93
CA SER D 29 -6.83 -6.82 20.66
C SER D 29 -7.35 -8.21 20.99
N GLN D 30 -6.51 -9.25 20.87
CA GLN D 30 -6.90 -10.61 21.23
C GLN D 30 -7.13 -10.79 22.73
N GLY D 31 -6.82 -9.79 23.54
CA GLY D 31 -7.14 -9.83 24.94
C GLY D 31 -6.06 -10.43 25.82
N SER D 32 -6.11 -10.05 27.11
CA SER D 32 -5.15 -10.51 28.11
C SER D 32 -4.98 -12.02 28.10
N ASP D 33 -6.08 -12.75 27.97
CA ASP D 33 -6.04 -14.20 28.14
C ASP D 33 -5.22 -14.87 27.06
N ALA D 34 -5.17 -14.28 25.86
CA ALA D 34 -4.30 -14.81 24.81
C ALA D 34 -2.84 -14.56 25.12
N ALA D 35 -2.51 -13.36 25.59
CA ALA D 35 -1.14 -13.08 26.02
C ALA D 35 -0.73 -14.01 27.16
N TYR D 36 -1.61 -14.14 28.15
CA TYR D 36 -1.26 -14.96 29.31
C TYR D 36 -1.07 -16.40 28.92
N GLN D 37 -1.85 -16.89 27.95
CA GLN D 37 -1.76 -18.30 27.63
C GLN D 37 -0.43 -18.65 26.98
N ILE D 38 0.01 -17.81 26.02
CA ILE D 38 1.35 -17.97 25.44
C ILE D 38 2.41 -17.86 26.53
N LEU D 39 2.20 -16.96 27.49
CA LEU D 39 3.18 -16.79 28.56
C LEU D 39 3.28 -18.06 29.41
N GLN D 40 2.16 -18.76 29.59
CA GLN D 40 2.25 -19.97 30.39
C GLN D 40 2.85 -21.11 29.61
N GLU D 41 2.62 -21.16 28.31
CA GLU D 41 3.24 -22.23 27.52
C GLU D 41 4.69 -21.92 27.18
N ASP D 42 5.05 -20.64 27.04
CA ASP D 42 6.36 -20.28 26.52
C ASP D 42 7.25 -19.57 27.53
N GLY D 43 6.68 -19.00 28.59
CA GLY D 43 7.42 -18.15 29.50
C GLY D 43 7.73 -16.79 28.97
N CYS D 44 7.35 -16.49 27.71
CA CYS D 44 7.53 -15.17 27.13
C CYS D 44 6.47 -14.99 26.04
N VAL D 45 6.15 -13.73 25.76
CA VAL D 45 5.23 -13.38 24.67
C VAL D 45 5.50 -11.93 24.29
N ILE D 46 5.37 -11.64 23.00
CA ILE D 46 5.38 -10.28 22.50
C ILE D 46 3.94 -9.84 22.26
N VAL D 47 3.55 -8.70 22.84
CA VAL D 47 2.19 -8.17 22.72
C VAL D 47 2.24 -6.93 21.84
N GLU D 48 1.64 -7.03 20.65
CA GLU D 48 1.71 -5.99 19.64
C GLU D 48 0.59 -4.98 19.83
N GLN D 49 0.93 -3.69 19.72
CA GLN D 49 -0.05 -2.61 19.83
C GLN D 49 -0.75 -2.69 21.19
N VAL D 50 0.07 -2.79 22.23
CA VAL D 50 -0.47 -2.83 23.58
C VAL D 50 -0.70 -1.44 24.15
N ILE D 51 0.01 -0.43 23.65
CA ILE D 51 -0.06 0.92 24.20
C ILE D 51 0.13 1.92 23.07
N CYS D 52 -0.42 3.11 23.25
CA CYS D 52 -0.38 4.12 22.21
C CYS D 52 1.02 4.71 22.13
N PRO D 53 1.62 4.79 20.93
CA PRO D 53 3.02 5.27 20.82
C PRO D 53 3.25 6.67 21.37
N ASN D 54 2.23 7.54 21.34
CA ASN D 54 2.37 8.86 21.95
C ASN D 54 2.76 8.77 23.41
N ILE D 55 2.17 7.81 24.13
CA ILE D 55 2.54 7.62 25.53
C ILE D 55 4.01 7.25 25.66
N ILE D 56 4.44 6.22 24.92
CA ILE D 56 5.85 5.85 24.93
C ILE D 56 6.72 7.00 24.44
N ALA D 57 6.37 7.58 23.28
CA ALA D 57 7.11 8.73 22.78
C ALA D 57 7.22 9.83 23.82
N LYS D 58 6.13 10.09 24.54
CA LYS D 58 6.12 11.16 25.55
C LYS D 58 6.99 10.79 26.74
N ILE D 59 6.93 9.53 27.19
CA ILE D 59 7.84 9.08 28.24
C ILE D 59 9.28 9.18 27.75
N SER D 60 9.54 8.70 26.54
CA SER D 60 10.85 8.85 25.92
C SER D 60 11.33 10.29 25.95
N ASP D 61 10.47 11.23 25.57
CA ASP D 61 10.86 12.63 25.62
C ASP D 61 11.24 13.05 27.03
N ASP D 62 10.44 12.65 28.02
CA ASP D 62 10.75 13.03 29.40
C ASP D 62 12.09 12.46 29.84
N VAL D 63 12.40 11.25 29.36
CA VAL D 63 13.62 10.59 29.80
C VAL D 63 14.83 11.27 29.19
N ASN D 64 14.75 11.64 27.90
CA ASN D 64 15.89 12.28 27.27
C ASN D 64 16.23 13.60 27.97
N ARG D 65 15.20 14.33 28.42
CA ARG D 65 15.36 15.58 29.16
C ARG D 65 15.94 15.38 30.58
N MET D 85 26.08 2.93 34.14
CA MET D 85 26.48 2.29 32.89
C MET D 85 27.43 1.11 33.07
N HIS D 86 27.11 0.01 32.42
CA HIS D 86 27.94 -1.18 32.43
C HIS D 86 27.66 -1.97 31.15
N ASN D 87 28.71 -2.59 30.60
CA ASN D 87 28.63 -3.28 29.31
C ASN D 87 27.97 -2.38 28.26
N ARG D 88 28.43 -1.12 28.21
CA ARG D 88 27.91 -0.12 27.27
C ARG D 88 26.38 -0.03 27.33
N THR D 89 25.83 -0.20 28.53
CA THR D 89 24.38 -0.19 28.73
C THR D 89 24.03 0.71 29.89
N ILE D 90 23.27 1.76 29.61
CA ILE D 90 22.78 2.67 30.63
C ILE D 90 21.51 2.11 31.24
N HIS D 91 21.50 1.88 32.54
CA HIS D 91 20.30 1.66 33.30
C HIS D 91 19.88 2.98 33.92
N MET D 92 18.58 3.25 33.96
CA MET D 92 18.11 4.51 34.54
C MET D 92 16.75 4.31 35.17
N GLY D 93 16.67 4.49 36.49
CA GLY D 93 15.42 4.42 37.23
C GLY D 93 14.87 5.77 37.66
N ASP D 94 14.17 5.80 38.80
CA ASP D 94 13.58 7.03 39.34
C ASP D 94 12.57 7.64 38.38
N LEU D 95 11.81 6.78 37.71
CA LEU D 95 10.93 7.21 36.64
C LEU D 95 9.70 7.92 37.14
N VAL D 96 9.31 7.68 38.40
CA VAL D 96 8.16 8.36 38.99
C VAL D 96 8.34 9.86 38.95
N LEU D 97 9.53 10.33 39.31
CA LEU D 97 9.83 11.74 39.28
C LEU D 97 10.21 12.23 37.90
N THR D 98 10.48 11.34 36.97
CA THR D 98 10.97 11.78 35.66
C THR D 98 9.83 12.08 34.70
N SER D 99 8.68 11.43 34.86
CA SER D 99 7.67 11.50 33.81
C SER D 99 6.29 11.28 34.40
N LYS D 100 5.44 12.30 34.29
CA LYS D 100 4.05 12.16 34.69
C LYS D 100 3.36 11.06 33.90
N THR D 101 3.63 11.00 32.60
CA THR D 101 3.03 10.00 31.75
C THR D 101 3.40 8.59 32.19
N TYR D 102 4.59 8.41 32.75
CA TYR D 102 4.91 7.16 33.40
C TYR D 102 4.03 6.92 34.63
N ARG D 103 4.03 7.88 35.56
CA ARG D 103 3.22 7.78 36.78
C ARG D 103 1.75 7.48 36.49
N ASP D 104 1.20 8.11 35.44
CA ASP D 104 -0.24 8.07 35.18
C ASP D 104 -0.62 6.93 34.23
N GLU D 105 -0.20 7.05 32.96
CA GLU D 105 -0.69 6.13 31.93
C GLU D 105 -0.02 4.76 32.02
N LEU D 106 1.32 4.71 32.09
CA LEU D 106 2.00 3.43 32.01
C LEU D 106 1.77 2.59 33.26
N LEU D 107 1.98 3.16 34.44
CA LEU D 107 1.73 2.40 35.67
C LEU D 107 0.27 1.95 35.79
N ASN D 108 -0.65 2.49 35.01
CA ASN D 108 -2.05 2.09 35.07
C ASN D 108 -2.51 1.27 33.87
N LEU D 109 -1.61 0.95 32.92
CA LEU D 109 -1.99 0.25 31.68
C LEU D 109 -2.80 -1.02 31.95
N PRO D 110 -4.10 -1.02 31.70
CA PRO D 110 -4.95 -2.13 32.16
C PRO D 110 -4.56 -3.51 31.61
N PHE D 111 -4.10 -3.59 30.35
CA PHE D 111 -3.70 -4.89 29.79
C PHE D 111 -2.58 -5.52 30.62
N ALA D 112 -1.64 -4.68 31.09
CA ALA D 112 -0.55 -5.17 31.94
C ALA D 112 -1.09 -5.78 33.22
N HIS D 113 -1.96 -5.05 33.91
CA HIS D 113 -2.45 -5.52 35.20
C HIS D 113 -3.28 -6.79 35.05
N GLU D 114 -4.02 -6.92 33.96
CA GLU D 114 -4.74 -8.17 33.72
C GLU D 114 -3.78 -9.34 33.64
N VAL D 115 -2.71 -9.20 32.86
CA VAL D 115 -1.71 -10.28 32.78
C VAL D 115 -1.04 -10.47 34.14
N LEU D 116 -0.70 -9.36 34.82
CA LEU D 116 -0.03 -9.47 36.11
C LEU D 116 -0.91 -10.19 37.14
N GLU D 117 -2.22 -9.92 37.12
CA GLU D 117 -3.10 -10.60 38.07
C GLU D 117 -3.18 -12.10 37.79
N LYS D 118 -3.27 -12.49 36.52
CA LYS D 118 -3.34 -13.92 36.22
C LYS D 118 -2.06 -14.63 36.63
N VAL D 119 -0.93 -13.92 36.60
CA VAL D 119 0.32 -14.54 37.02
C VAL D 119 0.33 -14.74 38.53
N PHE D 120 0.03 -13.68 39.29
CA PHE D 120 0.36 -13.61 40.71
C PHE D 120 -0.80 -13.91 41.65
N LYS D 121 -2.04 -13.48 41.36
CA LYS D 121 -3.10 -13.47 42.38
C LYS D 121 -3.23 -14.82 43.09
N LYS D 122 -3.42 -15.88 42.30
CA LYS D 122 -3.75 -17.17 42.90
C LYS D 122 -2.58 -17.75 43.70
N ASP D 123 -1.37 -17.78 43.12
CA ASP D 123 -0.24 -18.38 43.83
C ASP D 123 0.33 -17.47 44.93
N SER D 124 0.16 -16.14 44.80
CA SER D 124 0.99 -15.20 45.55
C SER D 124 0.23 -14.04 46.18
N GLY D 125 -0.77 -13.51 45.50
CA GLY D 125 -1.53 -12.39 46.03
C GLY D 125 -1.29 -11.09 45.29
N ASP D 126 -1.25 -9.98 46.02
CA ASP D 126 -0.96 -8.69 45.42
C ASP D 126 0.47 -8.67 44.89
N TYR D 127 0.72 -7.81 43.90
CA TYR D 127 2.03 -7.61 43.32
C TYR D 127 2.36 -6.12 43.35
N TRP D 128 3.64 -5.82 43.13
CA TRP D 128 4.10 -4.45 42.97
C TRP D 128 5.42 -4.50 42.21
N LEU D 129 6.06 -3.34 42.08
CA LEU D 129 7.22 -3.20 41.21
C LEU D 129 8.50 -3.57 41.94
N ASN D 130 9.32 -4.42 41.31
CA ASN D 130 10.72 -4.56 41.70
C ASN D 130 11.48 -3.29 41.39
N ALA D 131 11.28 -2.75 40.20
CA ALA D 131 11.99 -1.60 39.63
C ALA D 131 11.38 -1.26 38.28
N GLY D 132 11.41 0.02 37.91
CA GLY D 132 11.17 0.41 36.54
C GLY D 132 12.42 1.14 36.04
N VAL D 133 13.06 0.64 34.98
CA VAL D 133 14.32 1.21 34.52
C VAL D 133 14.31 1.35 33.00
N ILE D 134 14.83 2.49 32.53
CA ILE D 134 15.19 2.64 31.13
C ILE D 134 16.47 1.88 30.87
N LEU D 135 16.43 0.94 29.95
CA LEU D 135 17.62 0.20 29.54
C LEU D 135 18.08 0.79 28.21
N ASN D 136 19.07 1.68 28.28
CA ASN D 136 19.66 2.33 27.11
C ASN D 136 20.91 1.54 26.76
N MET D 137 20.82 0.71 25.73
CA MET D 137 21.89 -0.19 25.33
C MET D 137 22.65 0.44 24.16
N LEU D 138 23.88 0.89 24.42
CA LEU D 138 24.64 1.63 23.44
C LEU D 138 25.30 0.68 22.44
N PRO D 139 25.65 1.18 21.25
CA PRO D 139 26.44 0.36 20.32
C PRO D 139 27.71 -0.13 21.00
N GLY D 140 28.01 -1.41 20.79
CA GLY D 140 29.14 -2.05 21.41
C GLY D 140 28.80 -2.92 22.60
N ALA D 141 27.60 -2.80 23.15
CA ALA D 141 27.18 -3.67 24.24
C ALA D 141 27.24 -5.13 23.79
N GLU D 142 27.79 -5.97 24.64
CA GLU D 142 27.87 -7.40 24.40
C GLU D 142 26.60 -8.09 24.89
N ALA D 143 26.25 -9.20 24.24
CA ALA D 143 25.15 -10.02 24.71
C ALA D 143 25.43 -10.54 26.12
N GLN D 144 24.37 -10.65 26.92
CA GLN D 144 24.51 -11.15 28.28
C GLN D 144 24.53 -12.67 28.29
N ARG D 145 25.19 -13.23 29.29
CA ARG D 145 25.05 -14.64 29.55
C ARG D 145 23.58 -14.95 29.84
N PRO D 146 22.92 -15.80 29.03
CA PRO D 146 21.50 -16.09 29.26
C PRO D 146 21.26 -16.65 30.66
N HIS D 147 20.15 -16.20 31.28
CA HIS D 147 19.94 -16.41 32.71
C HIS D 147 18.44 -16.39 33.02
N ARG D 148 18.12 -16.70 34.26
CA ARG D 148 16.78 -16.55 34.81
C ARG D 148 16.79 -15.38 35.80
N ASP D 149 15.83 -14.46 35.64
CA ASP D 149 15.81 -13.28 36.49
C ASP D 149 15.53 -13.62 37.94
N ASP D 150 14.84 -14.73 38.22
CA ASP D 150 14.46 -15.03 39.60
C ASP D 150 15.62 -15.48 40.47
N TYR D 151 16.81 -15.67 39.88
CA TYR D 151 17.99 -15.97 40.69
C TYR D 151 18.27 -14.87 41.70
N LEU D 152 17.81 -13.64 41.42
CA LEU D 152 17.97 -12.54 42.36
C LEU D 152 17.43 -12.90 43.76
N TYR D 153 16.31 -13.66 43.82
CA TYR D 153 15.73 -14.08 45.10
C TYR D 153 16.12 -15.51 45.45
N PRO D 154 16.97 -15.71 46.46
CA PRO D 154 17.60 -17.05 46.67
C PRO D 154 16.61 -18.19 46.83
N VAL D 155 15.37 -17.88 47.19
CA VAL D 155 14.38 -18.91 47.46
C VAL D 155 13.96 -19.63 46.18
N SER D 156 14.15 -19.00 45.01
CA SER D 156 13.80 -19.65 43.75
C SER D 156 14.64 -20.90 43.51
N GLN D 157 15.82 -20.97 44.12
CA GLN D 157 16.68 -22.13 43.96
C GLN D 157 16.26 -23.29 44.84
N HIS D 158 15.31 -23.07 45.75
CA HIS D 158 14.83 -24.10 46.65
C HIS D 158 13.40 -24.53 46.33
N MET D 159 12.89 -24.17 45.15
CA MET D 159 11.56 -24.57 44.73
C MET D 159 11.68 -25.14 43.33
N ASP D 160 10.81 -26.10 43.03
CA ASP D 160 10.77 -26.71 41.70
C ASP D 160 10.18 -25.74 40.70
N PRO D 161 10.92 -25.34 39.66
CA PRO D 161 10.36 -24.37 38.69
C PRO D 161 9.13 -24.88 37.97
N ALA D 162 8.97 -26.18 37.84
CA ALA D 162 7.77 -26.68 37.18
C ALA D 162 6.49 -26.37 37.97
N THR D 163 6.57 -26.16 39.29
CA THR D 163 5.36 -25.90 40.08
C THR D 163 5.43 -24.66 40.97
N SER D 164 6.57 -23.96 41.04
CA SER D 164 6.67 -22.87 41.99
C SER D 164 5.94 -21.61 41.48
N PRO D 165 5.52 -20.73 42.40
CA PRO D 165 4.94 -19.46 41.95
C PRO D 165 5.96 -18.71 41.10
N ASP D 166 5.46 -17.89 40.19
CA ASP D 166 6.37 -17.01 39.47
C ASP D 166 6.78 -15.88 40.42
N LEU D 167 8.08 -15.65 40.57
CA LEU D 167 8.54 -14.59 41.46
C LEU D 167 8.71 -13.26 40.75
N MET D 168 8.70 -13.24 39.42
CA MET D 168 8.93 -12.00 38.68
C MET D 168 8.25 -12.07 37.32
N ILE D 169 7.77 -10.92 36.88
CA ILE D 169 7.36 -10.68 35.51
C ILE D 169 8.08 -9.43 35.04
N ASN D 170 8.70 -9.51 33.87
CA ASN D 170 9.34 -8.36 33.24
C ASN D 170 8.51 -7.99 32.03
N ILE D 171 8.18 -6.71 31.90
CA ILE D 171 7.51 -6.14 30.72
C ILE D 171 8.39 -5.04 30.16
N THR D 172 8.88 -5.22 28.93
CA THR D 172 9.82 -4.31 28.29
C THR D 172 9.12 -3.66 27.11
N PHE D 173 9.03 -2.33 27.15
CA PHE D 173 8.45 -1.54 26.09
C PHE D 173 9.58 -1.00 25.24
N PRO D 174 9.68 -1.34 23.96
CA PRO D 174 10.63 -0.65 23.08
C PRO D 174 10.34 0.84 23.04
N LEU D 175 11.38 1.64 23.28
CA LEU D 175 11.30 3.08 23.04
C LEU D 175 11.80 3.44 21.65
N ASN D 176 12.63 2.60 21.05
CA ASN D 176 12.83 2.56 19.61
C ASN D 176 12.77 1.10 19.18
N GLU D 177 13.00 0.85 17.89
CA GLU D 177 12.77 -0.48 17.36
C GLU D 177 13.78 -1.48 17.91
N PHE D 178 13.29 -2.64 18.36
CA PHE D 178 14.13 -3.75 18.79
C PHE D 178 14.32 -4.70 17.61
N ARG D 179 15.58 -5.03 17.31
CA ARG D 179 15.93 -5.97 16.26
C ARG D 179 17.02 -6.89 16.78
N HIS D 180 17.25 -8.00 16.08
CA HIS D 180 18.34 -8.88 16.48
C HIS D 180 19.68 -8.15 16.45
N ASP D 181 19.90 -7.31 15.42
CA ASP D 181 21.20 -6.70 15.21
C ASP D 181 21.53 -5.59 16.20
N ASN D 182 20.53 -5.02 16.89
CA ASN D 182 20.83 -3.92 17.80
C ASN D 182 20.62 -4.29 19.27
N GLY D 183 20.53 -5.58 19.59
CA GLY D 183 20.50 -6.01 20.97
C GLY D 183 19.13 -6.37 21.50
N GLY D 184 18.14 -6.51 20.64
CA GLY D 184 16.84 -6.99 21.04
C GLY D 184 16.99 -8.18 21.97
N THR D 185 16.27 -8.15 23.08
CA THR D 185 16.37 -9.16 24.13
C THR D 185 16.33 -10.56 23.55
N LEU D 186 17.37 -11.34 23.84
CA LEU D 186 17.44 -12.74 23.44
C LEU D 186 16.59 -13.59 24.36
N LEU D 187 15.90 -14.58 23.80
CA LEU D 187 14.93 -15.36 24.55
C LEU D 187 15.04 -16.84 24.20
N LEU D 188 14.75 -17.69 25.18
CA LEU D 188 14.62 -19.12 24.95
C LEU D 188 13.18 -19.49 25.25
N PRO D 189 12.28 -19.48 24.27
CA PRO D 189 10.89 -19.85 24.53
C PRO D 189 10.79 -21.28 25.05
N LYS D 190 9.86 -21.48 25.99
CA LYS D 190 9.58 -22.79 26.60
C LYS D 190 10.69 -23.24 27.53
N SER D 191 11.59 -22.35 27.93
CA SER D 191 12.65 -22.68 28.86
C SER D 191 12.23 -22.52 30.31
N HIS D 192 10.98 -22.18 30.59
CA HIS D 192 10.62 -21.62 31.89
C HIS D 192 10.13 -22.67 32.88
N THR D 193 10.23 -23.96 32.56
CA THR D 193 9.79 -25.02 33.46
C THR D 193 10.86 -26.01 33.87
N GLY D 194 11.99 -26.09 33.17
CA GLY D 194 13.03 -27.01 33.51
C GLY D 194 13.73 -26.61 34.79
N PRO D 195 14.72 -27.39 35.20
CA PRO D 195 15.39 -27.12 36.46
C PRO D 195 16.31 -25.91 36.40
N ASN D 196 16.50 -25.27 37.56
CA ASN D 196 17.48 -24.20 37.67
C ASN D 196 18.87 -24.73 37.33
N ALA D 197 19.63 -23.92 36.60
CA ALA D 197 20.95 -24.34 36.18
C ALA D 197 21.89 -23.15 36.19
N ASP D 198 23.18 -23.46 36.14
CA ASP D 198 24.23 -22.46 36.06
C ASP D 198 24.58 -22.12 34.62
N PHE D 199 24.05 -22.87 33.65
CA PHE D 199 24.22 -22.60 32.23
C PHE D 199 22.95 -23.05 31.53
N TYR D 200 22.41 -22.18 30.66
CA TYR D 200 21.19 -22.49 29.93
C TYR D 200 21.40 -22.56 28.42
N ALA D 201 22.04 -21.55 27.84
CA ALA D 201 22.28 -21.52 26.40
C ALA D 201 23.39 -20.51 26.12
N ASN D 202 23.88 -20.57 24.88
CA ASN D 202 24.77 -19.55 24.34
C ASN D 202 23.94 -18.44 23.71
N ALA D 203 24.31 -17.19 24.00
CA ALA D 203 23.52 -16.07 23.53
C ALA D 203 23.37 -16.09 22.01
N GLU D 204 24.43 -16.49 21.30
CA GLU D 204 24.40 -16.46 19.85
C GLU D 204 23.47 -17.52 19.25
N ASP D 205 22.88 -18.39 20.07
CA ASP D 205 21.97 -19.40 19.56
C ASP D 205 20.50 -19.05 19.76
N LEU D 206 20.20 -17.96 20.48
CA LEU D 206 18.87 -17.53 20.91
C LEU D 206 18.26 -16.55 19.89
N PRO D 207 16.95 -16.64 19.69
CA PRO D 207 16.26 -15.64 18.88
C PRO D 207 16.14 -14.33 19.64
N ALA D 208 15.87 -13.27 18.90
CA ALA D 208 15.73 -11.93 19.49
C ALA D 208 14.29 -11.47 19.41
N ALA D 209 13.80 -10.87 20.50
CA ALA D 209 12.53 -10.18 20.47
C ALA D 209 12.62 -8.99 19.53
N GLU D 210 11.93 -9.06 18.39
CA GLU D 210 11.87 -7.97 17.44
C GLU D 210 10.48 -7.36 17.47
N MET D 211 10.40 -6.05 17.66
CA MET D 211 9.14 -5.42 18.02
C MET D 211 9.31 -3.91 18.00
N GLN D 212 8.18 -3.21 17.97
CA GLN D 212 8.10 -1.77 17.72
C GLN D 212 7.54 -1.01 18.92
N VAL D 213 7.81 0.30 18.93
CA VAL D 213 7.13 1.23 19.84
C VAL D 213 5.63 0.95 19.81
N GLY D 214 5.00 0.95 20.98
CA GLY D 214 3.65 0.50 21.10
C GLY D 214 3.49 -0.99 21.34
N ASP D 215 4.56 -1.78 21.11
CA ASP D 215 4.53 -3.17 21.53
C ASP D 215 5.14 -3.32 22.92
N ALA D 216 5.01 -4.52 23.47
CA ALA D 216 5.73 -4.88 24.68
C ALA D 216 6.06 -6.37 24.68
N LEU D 217 7.24 -6.68 25.19
CA LEU D 217 7.64 -8.06 25.47
C LEU D 217 7.37 -8.38 26.94
N ILE D 218 6.75 -9.53 27.19
CA ILE D 218 6.50 -10.01 28.55
C ILE D 218 7.18 -11.36 28.71
N PHE D 219 8.02 -11.49 29.74
CA PHE D 219 8.61 -12.78 30.09
C PHE D 219 8.68 -12.91 31.60
N THR D 220 8.76 -14.15 32.06
CA THR D 220 8.74 -14.41 33.49
C THR D 220 10.15 -14.51 34.05
N GLY D 221 10.22 -14.54 35.39
CA GLY D 221 11.49 -14.75 36.07
C GLY D 221 12.11 -16.11 35.81
N LYS D 222 11.38 -17.06 35.21
CA LYS D 222 11.94 -18.35 34.86
C LYS D 222 12.26 -18.48 33.38
N CYS D 223 11.92 -17.49 32.56
CA CYS D 223 12.24 -17.55 31.14
C CYS D 223 13.72 -17.22 30.93
N VAL D 224 14.47 -18.16 30.37
CA VAL D 224 15.85 -17.89 30.02
C VAL D 224 15.90 -16.80 28.95
N HIS D 225 16.82 -15.86 29.12
CA HIS D 225 16.85 -14.65 28.29
C HIS D 225 18.17 -13.95 28.56
N GLY D 226 18.41 -12.88 27.81
CA GLY D 226 19.50 -11.97 28.12
C GLY D 226 19.57 -10.81 27.14
N GLY D 227 20.15 -9.70 27.56
CA GLY D 227 20.40 -8.61 26.63
C GLY D 227 21.16 -9.10 25.40
N GLY D 228 20.84 -8.54 24.23
CA GLY D 228 21.55 -8.88 23.01
C GLY D 228 22.77 -8.00 22.82
N ALA D 229 23.50 -8.28 21.75
CA ALA D 229 24.64 -7.46 21.38
C ALA D 229 24.18 -6.36 20.44
N ASN D 230 24.42 -5.10 20.82
CA ASN D 230 24.05 -3.99 19.95
C ASN D 230 25.18 -3.78 18.94
N ARG D 231 25.09 -4.53 17.83
CA ARG D 231 26.01 -4.44 16.69
C ARG D 231 25.69 -3.29 15.75
N SER D 232 24.84 -2.37 16.14
CA SER D 232 24.37 -1.31 15.25
C SER D 232 25.12 -0.01 15.57
N ASP D 233 24.65 1.09 14.98
CA ASP D 233 25.25 2.41 15.19
C ASP D 233 24.36 3.32 16.03
N LYS D 234 23.27 2.82 16.59
CA LYS D 234 22.43 3.66 17.45
C LYS D 234 22.03 2.91 18.70
N PRO D 235 21.80 3.62 19.80
CA PRO D 235 21.25 3.00 21.00
C PRO D 235 20.00 2.17 20.72
N ARG D 236 19.79 1.14 21.54
CA ARG D 236 18.58 0.34 21.58
C ARG D 236 17.95 0.57 22.95
N ILE D 237 16.85 1.31 22.99
CA ILE D 237 16.30 1.82 24.25
C ILE D 237 14.95 1.18 24.51
N GLY D 238 14.83 0.48 25.64
CA GLY D 238 13.55 -0.03 26.09
C GLY D 238 13.33 0.38 27.53
N LEU D 239 12.05 0.38 27.91
CA LEU D 239 11.63 0.68 29.28
C LEU D 239 11.17 -0.64 29.91
N ALA D 240 11.92 -1.10 30.92
CA ALA D 240 11.67 -2.42 31.50
C ALA D 240 11.03 -2.25 32.87
N LEU D 241 9.79 -2.73 32.99
CA LEU D 241 9.10 -2.82 34.27
C LEU D 241 9.31 -4.23 34.83
N ALA D 242 9.73 -4.32 36.09
CA ALA D 242 9.83 -5.62 36.76
C ALA D 242 8.81 -5.66 37.90
N ALA D 243 7.86 -6.59 37.82
CA ALA D 243 6.87 -6.79 38.86
C ALA D 243 7.11 -8.14 39.53
N GLN D 244 6.68 -8.24 40.79
CA GLN D 244 6.92 -9.39 41.63
C GLN D 244 5.82 -9.42 42.70
N PRO D 245 5.64 -10.55 43.38
CA PRO D 245 4.71 -10.58 44.52
C PRO D 245 5.07 -9.55 45.57
N GLY D 246 4.03 -9.05 46.25
CA GLY D 246 4.21 -8.07 47.30
C GLY D 246 5.03 -8.56 48.47
N TYR D 247 5.09 -9.89 48.68
CA TYR D 247 5.91 -10.36 49.80
C TYR D 247 7.42 -10.31 49.51
N LEU D 248 7.81 -9.81 48.33
CA LEU D 248 9.24 -9.70 47.97
C LEU D 248 9.65 -8.25 48.01
N THR D 249 10.74 -7.99 48.70
CA THR D 249 11.23 -6.65 48.86
C THR D 249 11.62 -6.01 47.54
N PRO D 250 11.07 -4.84 47.20
CA PRO D 250 11.44 -4.19 45.93
C PRO D 250 12.92 -3.80 45.87
N ARG D 251 13.49 -4.01 44.69
CA ARG D 251 14.85 -3.55 44.42
C ARG D 251 14.96 -2.04 44.60
N GLU D 252 14.10 -1.28 43.92
CA GLU D 252 14.15 0.18 43.92
C GLU D 252 13.09 0.75 44.86
N SER D 253 13.53 1.44 45.90
CA SER D 253 12.60 2.07 46.82
C SER D 253 12.15 3.43 46.28
N ASN D 254 10.92 3.81 46.64
CA ASN D 254 10.37 5.08 46.22
C ASN D 254 10.05 5.98 47.41
N VAL D 255 10.68 5.77 48.58
CA VAL D 255 10.19 6.42 49.81
C VAL D 255 10.45 7.92 49.84
N ASN D 256 11.37 8.43 49.02
CA ASN D 256 11.65 9.86 49.01
C ASN D 256 11.05 10.57 47.80
N VAL D 257 10.09 9.95 47.10
CA VAL D 257 9.27 10.72 46.15
C VAL D 257 8.38 11.67 46.94
N PRO D 258 8.26 12.94 46.56
CA PRO D 258 7.42 13.86 47.34
C PRO D 258 5.99 13.36 47.42
N ARG D 259 5.44 13.35 48.64
CA ARG D 259 4.11 12.81 48.84
C ARG D 259 3.06 13.57 48.03
N ASP D 260 3.27 14.88 47.82
CA ASP D 260 2.40 15.65 46.92
C ASP D 260 2.28 14.97 45.56
N ILE D 261 3.40 14.49 45.03
CA ILE D 261 3.41 13.83 43.73
C ILE D 261 2.70 12.48 43.82
N VAL D 262 2.94 11.71 44.89
CA VAL D 262 2.29 10.41 45.05
C VAL D 262 0.77 10.54 45.13
N GLU D 263 0.27 11.61 45.74
CA GLU D 263 -1.18 11.77 45.87
C GLU D 263 -1.88 12.14 44.55
N THR D 264 -1.15 12.44 43.48
CA THR D 264 -1.76 12.57 42.15
C THR D 264 -1.91 11.24 41.42
N MET D 265 -1.37 10.13 41.94
CA MET D 265 -1.44 8.86 41.24
C MET D 265 -2.60 8.03 41.73
N THR D 266 -2.98 7.04 40.93
CA THR D 266 -4.08 6.17 41.29
C THR D 266 -3.66 5.22 42.42
N PRO D 267 -4.62 4.69 43.18
CA PRO D 267 -4.27 3.74 44.26
C PRO D 267 -3.49 2.54 43.77
N LEU D 268 -3.83 1.99 42.60
CA LEU D 268 -3.05 0.88 42.05
C LEU D 268 -1.64 1.33 41.72
N ALA D 269 -1.48 2.53 41.18
CA ALA D 269 -0.13 3.00 40.86
C ALA D 269 0.67 3.26 42.13
N GLN D 270 0.05 3.85 43.15
CA GLN D 270 0.73 4.08 44.42
C GLN D 270 1.26 2.78 45.00
N ARG D 271 0.45 1.72 44.94
CA ARG D 271 0.90 0.43 45.45
C ARG D 271 2.08 -0.11 44.65
N MET D 272 2.02 0.00 43.32
CA MET D 272 3.14 -0.41 42.47
C MET D 272 4.47 0.18 42.95
N ILE D 273 4.48 1.47 43.31
CA ILE D 273 5.73 2.12 43.70
C ILE D 273 5.96 1.97 45.19
N GLY D 274 5.23 1.05 45.83
CA GLY D 274 5.49 0.75 47.22
C GLY D 274 4.73 1.60 48.22
N TRP D 275 3.89 2.53 47.77
CA TRP D 275 3.10 3.35 48.68
C TRP D 275 1.72 2.73 48.86
N GLY D 276 1.71 1.56 49.47
CA GLY D 276 0.45 0.88 49.73
C GLY D 276 0.72 -0.47 50.36
N THR D 277 -0.31 -0.99 51.01
CA THR D 277 -0.27 -2.32 51.60
C THR D 277 -0.45 -3.37 50.50
N VAL D 278 0.27 -4.48 50.62
CA VAL D 278 0.16 -5.59 49.67
C VAL D 278 -0.26 -6.82 50.45
N ARG D 279 -1.31 -7.48 49.97
CA ARG D 279 -1.91 -8.62 50.65
C ARG D 279 -1.49 -9.90 49.96
N THR D 280 -1.21 -10.94 50.74
CA THR D 280 -0.82 -12.21 50.18
C THR D 280 -2.08 -12.97 49.70
N LYS D 281 -1.84 -14.14 49.08
CA LYS D 281 -2.96 -14.98 48.63
C LYS D 281 -3.80 -15.49 49.80
N ASP D 282 -3.28 -15.41 51.02
CA ASP D 282 -4.03 -15.72 52.23
C ASP D 282 -4.68 -14.46 52.82
N THR D 283 -4.70 -13.37 52.07
CA THR D 283 -5.13 -12.05 52.52
C THR D 283 -4.34 -11.54 53.74
N TYR D 284 -3.15 -12.07 53.99
CA TYR D 284 -2.26 -11.52 55.01
C TYR D 284 -1.64 -10.23 54.46
N GLY D 285 -1.82 -9.12 55.19
CA GLY D 285 -1.36 -7.82 54.72
C GLY D 285 0.11 -7.56 55.04
N LEU D 286 0.87 -7.14 54.03
CA LEU D 286 2.26 -6.73 54.20
C LEU D 286 2.37 -5.22 53.94
N ASN D 287 3.48 -4.64 54.40
CA ASN D 287 3.72 -3.20 54.29
C ASN D 287 2.56 -2.41 54.90
N MET D 288 2.27 -2.71 56.15
CA MET D 288 1.21 -2.06 56.90
C MET D 288 1.83 -1.02 57.82
N LEU D 289 1.05 0.01 58.13
CA LEU D 289 1.45 1.03 59.10
C LEU D 289 0.45 1.08 60.23
N GLN D 290 0.96 1.23 61.46
CA GLN D 290 0.12 1.37 62.67
C GLN D 290 -0.95 0.29 62.73
N ASP D 291 -0.62 -0.90 62.23
CA ASP D 291 -1.54 -2.03 62.15
C ASP D 291 -2.71 -1.76 61.22
N LYS D 292 -2.69 -0.68 60.45
CA LYS D 292 -3.75 -0.36 59.51
C LYS D 292 -3.21 -0.37 58.09
N ASP D 293 -4.14 -0.37 57.14
CA ASP D 293 -3.81 -0.22 55.73
C ASP D 293 -2.93 1.01 55.51
N PHE D 294 -1.96 0.88 54.59
CA PHE D 294 -0.97 1.94 54.38
C PHE D 294 -1.63 3.29 54.12
N HIS D 295 -2.63 3.30 53.23
CA HIS D 295 -3.30 4.54 52.87
C HIS D 295 -4.08 5.13 54.06
N GLU D 296 -4.68 4.26 54.87
CA GLU D 296 -5.52 4.76 55.97
C GLU D 296 -4.68 5.33 57.10
N ALA D 297 -3.55 4.69 57.43
CA ALA D 297 -2.70 5.20 58.50
C ALA D 297 -2.10 6.56 58.15
N LEU D 298 -1.84 6.80 56.87
CA LEU D 298 -1.25 8.04 56.40
C LEU D 298 -2.29 9.08 56.00
N GLY D 299 -3.54 8.67 55.78
CA GLY D 299 -4.50 9.53 55.15
C GLY D 299 -4.12 9.88 53.73
N LEU D 300 -3.45 8.97 53.04
CA LEU D 300 -2.92 9.26 51.71
C LEU D 300 -4.05 9.44 50.71
N LYS D 301 -4.09 10.60 50.06
CA LYS D 301 -5.10 10.83 49.04
C LYS D 301 -4.65 10.23 47.71
N SER D 302 -5.63 9.94 46.84
CA SER D 302 -5.35 9.36 45.53
C SER D 302 -6.13 10.11 44.45
N LYS D 303 -5.79 9.81 43.20
CA LYS D 303 -6.47 10.35 42.03
C LYS D 303 -7.79 9.64 41.79
FE FE E . -14.74 -7.09 10.31
FE FE F . -14.50 20.01 -28.72
FE FE G . 11.73 -2.53 -14.67
FE FE H . 17.58 -10.22 33.11
#